data_6CBN
#
_entry.id   6CBN
#
_cell.length_a   59.255
_cell.length_b   109.576
_cell.length_c   70.443
_cell.angle_alpha   90.00
_cell.angle_beta   110.50
_cell.angle_gamma   90.00
#
_symmetry.space_group_name_H-M   'P 1 21 1'
#
loop_
_entity.id
_entity.type
_entity.pdbx_description
1 polymer 'Neamine transaminase NeoN'
2 non-polymer '(1R,2R,3S,4R,6S)-4,6-diamino-2-[(3-O-{2-amino-2,6-dideoxy-6-[({3-hydroxy-2-methyl-5-[(phosphonooxy)methyl]pyridin-4-yl}methyl)amino]-alpha-D-glucopyranosyl}-beta-D-ribofuranosyl)oxy]-3-hydroxycyclohexyl 2,6-diamino-2,6-dideoxy-alpha-D-glucopyranoside'
3 non-polymer 1,2-ETHANEDIOL
4 water water
#
_entity_poly.entity_id   1
_entity_poly.type   'polypeptide(L)'
_entity_poly.pdbx_seq_one_letter_code
;MGSSHHHHHHSSENLYFQGGGHMTKNSSLLAEFPTCPRDEKDRPRVFTAASGAWLTDESGFRWIDFDNARGSILLGHGDP
VVAEAVARAATGADGTATGWSRRVDAVLERLHALCGGEVVGLFRSGTAAVRAAVLAVREATGRPLLLSAGYHGYDPMWYP
SEAPLEPNADGVVDFFFDLGLLRELLRAPERVAAVVVSPDHMHLSPGWYRELRRLCSAAGVVLVADEVKVGLRYAPGLST
AELLAPDVWVVAKGMANGHAVSAVGGSRRLLKPLKEVSFTSFFEPTILAAADAALARVATGEPQRAVREAGDRFLRHARK
ALDDASLPVEIAGDGTFFQFVPATEELEEALYGAANAEGLLFYAGDNQGVSAAFDEAVLGEAERRFARVCERLAPYAGGE
PVGDAARYRVAWNVMDGLRQAPRDREETTGLLARLLDD
;
_entity_poly.pdbx_strand_id   A,B
#
loop_
_chem_comp.id
_chem_comp.type
_chem_comp.name
_chem_comp.formula
EDO non-polymer 1,2-ETHANEDIOL 'C2 H6 O2'
OZY non-polymer '(1R,2R,3S,4R,6S)-4,6-diamino-2-[(3-O-{2-amino-2,6-dideoxy-6-[({3-hydroxy-2-methyl-5-[(phosphonooxy)methyl]pyridin-4-yl}methyl)amino]-alpha-D-glucopyranosyl}-beta-D-ribofuranosyl)oxy]-3-hydroxycyclohexyl 2,6-diamino-2,6-dideoxy-alpha-D-glucopyranoside' 'C31 H56 N7 O18 P'
#
# COMPACT_ATOMS: atom_id res chain seq x y z
N SER A 28 -10.64 -18.94 8.59
CA SER A 28 -11.61 -18.00 7.95
C SER A 28 -11.81 -16.76 8.84
N LEU A 29 -10.75 -16.35 9.54
CA LEU A 29 -10.71 -14.98 10.02
C LEU A 29 -10.48 -14.02 8.85
N LEU A 30 -9.87 -14.49 7.78
CA LEU A 30 -9.42 -13.55 6.75
C LEU A 30 -10.59 -13.05 5.91
N ALA A 31 -10.78 -11.72 5.83
CA ALA A 31 -11.88 -11.11 5.10
C ALA A 31 -11.63 -11.03 3.60
N GLU A 32 -10.36 -11.06 3.25
CA GLU A 32 -9.89 -10.97 1.86
C GLU A 32 -9.81 -12.35 1.25
N PHE A 33 -9.67 -12.41 -0.07
CA PHE A 33 -9.38 -13.65 -0.77
C PHE A 33 -8.14 -13.50 -1.61
N PRO A 34 -6.99 -13.69 -0.99
CA PRO A 34 -5.75 -13.45 -1.68
C PRO A 34 -5.51 -14.47 -2.78
N THR A 35 -4.97 -14.01 -3.90
CA THR A 35 -4.50 -14.96 -4.90
C THR A 35 -3.23 -15.64 -4.40
N CYS A 36 -3.23 -16.97 -4.39
CA CYS A 36 -2.07 -17.71 -3.90
C CYS A 36 -2.21 -19.16 -4.32
N PRO A 37 -1.10 -19.90 -4.20
CA PRO A 37 -1.22 -21.32 -4.51
C PRO A 37 -2.20 -21.98 -3.55
N ARG A 38 -3.13 -22.74 -4.13
CA ARG A 38 -4.17 -23.43 -3.39
C ARG A 38 -4.27 -24.90 -3.81
N ASP A 39 -4.62 -25.75 -2.84
CA ASP A 39 -4.77 -27.19 -3.12
C ASP A 39 -6.11 -27.52 -3.72
N GLU A 40 -6.38 -28.82 -3.88
CA GLU A 40 -7.58 -29.29 -4.52
C GLU A 40 -8.86 -28.99 -3.74
N LYS A 41 -8.75 -28.69 -2.46
CA LYS A 41 -9.90 -28.18 -1.72
C LYS A 41 -9.95 -26.63 -1.63
N ASP A 42 -9.08 -25.99 -2.40
CA ASP A 42 -9.01 -24.52 -2.46
C ASP A 42 -8.46 -23.91 -1.18
N ARG A 43 -7.79 -24.74 -0.38
CA ARG A 43 -7.02 -24.30 0.77
C ARG A 43 -5.64 -23.77 0.38
N PRO A 44 -5.24 -22.60 0.91
CA PRO A 44 -3.92 -22.14 0.58
C PRO A 44 -2.84 -23.17 0.96
N ARG A 45 -1.88 -23.36 0.07
CA ARG A 45 -0.68 -24.14 0.39
C ARG A 45 0.15 -23.34 1.37
N VAL A 46 0.69 -24.01 2.37
CA VAL A 46 1.47 -23.32 3.40
C VAL A 46 2.93 -23.60 3.21
N PHE A 47 3.71 -22.57 2.93
CA PHE A 47 5.13 -22.71 2.58
C PHE A 47 5.88 -22.22 3.80
N THR A 48 6.91 -22.98 4.21
CA THR A 48 7.71 -22.65 5.37
C THR A 48 8.98 -21.88 5.06
N ALA A 49 9.50 -22.04 3.84
CA ALA A 49 10.80 -21.52 3.50
C ALA A 49 10.97 -21.58 1.96
N ALA A 50 11.91 -20.77 1.48
CA ALA A 50 12.27 -20.75 0.07
C ALA A 50 13.74 -20.38 -0.11
N SER A 51 14.29 -20.79 -1.23
CA SER A 51 15.69 -20.55 -1.48
C SER A 51 15.84 -20.60 -2.99
N GLY A 52 16.13 -19.45 -3.59
CA GLY A 52 16.26 -19.41 -5.05
C GLY A 52 15.00 -19.77 -5.80
N ALA A 53 15.02 -20.90 -6.51
CA ALA A 53 13.87 -21.37 -7.23
C ALA A 53 13.03 -22.38 -6.46
N TRP A 54 13.45 -22.73 -5.25
CA TRP A 54 12.79 -23.79 -4.52
C TRP A 54 11.93 -23.32 -3.34
N LEU A 55 10.85 -24.03 -3.11
CA LEU A 55 9.99 -23.82 -1.94
C LEU A 55 9.91 -25.10 -1.11
N THR A 56 9.71 -24.93 0.19
CA THR A 56 9.38 -26.04 1.07
C THR A 56 7.98 -25.84 1.60
N ASP A 57 7.09 -26.80 1.42
CA ASP A 57 5.79 -26.73 2.07
C ASP A 57 5.74 -27.39 3.45
N GLU A 58 4.60 -27.20 4.11
CA GLU A 58 4.45 -27.62 5.51
C GLU A 58 4.54 -29.14 5.64
N SER A 59 4.23 -29.86 4.57
CA SER A 59 4.33 -31.32 4.52
CA SER A 59 4.34 -31.32 4.59
C SER A 59 5.78 -31.79 4.32
N GLY A 60 6.68 -30.87 4.03
CA GLY A 60 8.04 -31.22 3.64
C GLY A 60 8.31 -31.43 2.15
N PHE A 61 7.26 -31.29 1.35
CA PHE A 61 7.33 -31.40 -0.10
C PHE A 61 8.07 -30.20 -0.68
N ARG A 62 8.94 -30.47 -1.65
CA ARG A 62 9.83 -29.47 -2.21
C ARG A 62 9.37 -29.14 -3.63
N TRP A 63 9.26 -27.85 -3.93
CA TRP A 63 8.67 -27.38 -5.18
C TRP A 63 9.66 -26.51 -5.92
N ILE A 64 9.60 -26.57 -7.25
CA ILE A 64 10.22 -25.56 -8.09
C ILE A 64 9.14 -24.54 -8.48
N ASP A 65 9.45 -23.29 -8.16
CA ASP A 65 8.53 -22.15 -8.30
C ASP A 65 8.62 -21.45 -9.66
N PHE A 66 7.52 -21.53 -10.38
CA PHE A 66 7.27 -20.76 -11.64
C PHE A 66 6.29 -19.60 -11.40
N ASP A 67 5.77 -19.49 -10.17
CA ASP A 67 4.75 -18.47 -9.80
C ASP A 67 5.52 -17.25 -9.32
N ASN A 68 6.38 -17.40 -8.31
CA ASN A 68 7.34 -16.37 -7.95
C ASN A 68 6.63 -15.10 -7.56
N ALA A 69 5.67 -15.25 -6.64
CA ALA A 69 4.78 -14.14 -6.24
C ALA A 69 4.29 -13.39 -7.48
N ARG A 70 3.75 -14.19 -8.38
CA ARG A 70 3.15 -13.70 -9.63
C ARG A 70 4.11 -12.87 -10.45
N GLY A 71 5.39 -13.25 -10.46
CA GLY A 71 6.36 -12.55 -11.25
C GLY A 71 7.08 -11.41 -10.57
N SER A 72 6.87 -11.21 -9.27
CA SER A 72 7.59 -10.20 -8.52
C SER A 72 8.87 -10.67 -7.85
N ILE A 73 9.19 -11.97 -7.96
CA ILE A 73 10.48 -12.48 -7.53
C ILE A 73 11.35 -12.69 -8.76
N LEU A 74 11.97 -11.60 -9.21
CA LEU A 74 12.74 -11.64 -10.45
C LEU A 74 14.10 -12.28 -10.19
N LEU A 75 14.65 -12.06 -9.00
CA LEU A 75 16.01 -12.48 -8.67
C LEU A 75 16.10 -13.86 -8.05
N GLY A 76 15.07 -14.27 -7.33
CA GLY A 76 15.09 -15.53 -6.57
C GLY A 76 14.74 -15.29 -5.11
N HIS A 77 14.12 -16.29 -4.50
CA HIS A 77 13.77 -16.17 -3.07
C HIS A 77 14.99 -16.08 -2.19
N GLY A 78 14.97 -15.15 -1.24
CA GLY A 78 16.10 -14.99 -0.35
C GLY A 78 17.39 -14.55 -1.01
N ASP A 79 17.29 -13.83 -2.13
CA ASP A 79 18.47 -13.29 -2.78
C ASP A 79 19.48 -12.76 -1.77
N PRO A 80 20.70 -13.31 -1.75
CA PRO A 80 21.60 -12.92 -0.67
C PRO A 80 21.94 -11.45 -0.58
N VAL A 81 22.14 -10.78 -1.71
CA VAL A 81 22.55 -9.39 -1.71
C VAL A 81 21.38 -8.48 -1.22
N VAL A 82 20.18 -8.73 -1.72
CA VAL A 82 19.00 -8.02 -1.23
C VAL A 82 18.85 -8.34 0.27
N ALA A 83 18.98 -9.61 0.66
CA ALA A 83 18.80 -9.97 2.08
C ALA A 83 19.75 -9.24 3.00
N GLU A 84 21.01 -9.13 2.58
CA GLU A 84 22.00 -8.41 3.35
C GLU A 84 21.63 -6.95 3.52
N ALA A 85 21.17 -6.33 2.43
CA ALA A 85 20.78 -4.92 2.49
C ALA A 85 19.56 -4.69 3.39
N VAL A 86 18.60 -5.59 3.29
CA VAL A 86 17.42 -5.57 4.15
C VAL A 86 17.77 -5.74 5.61
N ALA A 87 18.61 -6.73 5.93
CA ALA A 87 18.98 -6.98 7.32
C ALA A 87 19.66 -5.77 7.91
N ARG A 88 20.58 -5.21 7.16
CA ARG A 88 21.30 -4.05 7.63
C ARG A 88 20.33 -2.88 7.89
N ALA A 89 19.47 -2.60 6.91
CA ALA A 89 18.54 -1.48 7.05
C ALA A 89 17.58 -1.67 8.25
N ALA A 90 17.28 -2.92 8.60
CA ALA A 90 16.40 -3.18 9.72
C ALA A 90 17.01 -2.75 11.07
N THR A 91 18.33 -2.62 11.12
CA THR A 91 19.01 -2.29 12.37
C THR A 91 19.04 -0.77 12.61
N GLY A 92 18.69 0.02 11.58
CA GLY A 92 18.77 1.46 11.64
C GLY A 92 20.04 2.03 11.09
N ALA A 93 20.96 1.16 10.61
CA ALA A 93 22.24 1.64 10.10
C ALA A 93 22.17 2.43 8.79
N ASP A 94 21.06 2.38 8.06
CA ASP A 94 20.93 3.07 6.78
C ASP A 94 19.89 4.20 6.81
N GLY A 95 19.50 4.60 7.98
CA GLY A 95 18.48 5.62 8.07
C GLY A 95 17.26 5.13 8.80
N THR A 96 16.25 5.99 8.79
CA THR A 96 15.13 5.86 9.72
C THR A 96 13.83 6.06 8.97
N ALA A 97 12.79 5.41 9.45
CA ALA A 97 11.45 5.67 8.95
C ALA A 97 10.94 7.07 9.27
N THR A 98 11.61 7.80 10.16
CA THR A 98 11.18 9.14 10.48
C THR A 98 11.40 10.13 9.31
N GLY A 99 12.37 9.91 8.44
CA GLY A 99 12.50 10.88 7.36
C GLY A 99 13.55 10.50 6.33
N TRP A 100 13.98 11.50 5.58
CA TRP A 100 14.72 11.29 4.34
C TRP A 100 16.05 10.61 4.61
N SER A 101 16.46 9.79 3.63
CA SER A 101 17.79 9.18 3.62
C SER A 101 18.26 9.19 2.20
N ARG A 102 19.57 9.05 2.01
CA ARG A 102 20.09 9.14 0.64
C ARG A 102 19.64 7.97 -0.21
N ARG A 103 19.18 6.88 0.38
CA ARG A 103 18.58 5.84 -0.42
C ARG A 103 17.31 6.25 -1.14
N VAL A 104 16.60 7.24 -0.59
CA VAL A 104 15.44 7.78 -1.32
C VAL A 104 15.90 8.33 -2.67
N ASP A 105 16.95 9.14 -2.62
CA ASP A 105 17.49 9.72 -3.84
C ASP A 105 17.96 8.65 -4.81
N ALA A 106 18.57 7.60 -4.27
CA ALA A 106 19.14 6.55 -5.09
C ALA A 106 18.02 5.82 -5.82
N VAL A 107 16.92 5.52 -5.12
CA VAL A 107 15.84 4.79 -5.76
C VAL A 107 15.16 5.64 -6.83
N LEU A 108 14.87 6.91 -6.50
CA LEU A 108 14.27 7.80 -7.47
C LEU A 108 15.14 7.96 -8.71
N GLU A 109 16.43 8.18 -8.49
CA GLU A 109 17.36 8.35 -9.60
C GLU A 109 17.46 7.11 -10.46
N ARG A 110 17.51 5.92 -9.86
CA ARG A 110 17.55 4.67 -10.62
C ARG A 110 16.29 4.50 -11.45
N LEU A 111 15.12 4.75 -10.86
CA LEU A 111 13.90 4.59 -11.63
C LEU A 111 13.84 5.57 -12.80
N HIS A 112 14.24 6.80 -12.55
CA HIS A 112 14.24 7.82 -13.59
C HIS A 112 15.16 7.48 -14.75
N ALA A 113 16.34 6.99 -14.42
CA ALA A 113 17.28 6.53 -15.44
C ALA A 113 16.72 5.38 -16.26
N LEU A 114 16.07 4.42 -15.62
CA LEU A 114 15.58 3.24 -16.31
C LEU A 114 14.34 3.50 -17.17
N CYS A 115 13.44 4.30 -16.62
CA CYS A 115 12.10 4.44 -17.21
C CYS A 115 11.80 5.77 -17.88
N GLY A 116 12.59 6.79 -17.57
CA GLY A 116 12.36 8.08 -18.19
C GLY A 116 11.27 8.87 -17.51
N GLY A 117 10.86 9.96 -18.17
CA GLY A 117 9.94 10.91 -17.57
C GLY A 117 10.66 12.02 -16.85
N GLU A 118 9.88 12.97 -16.34
CA GLU A 118 10.39 14.11 -15.61
C GLU A 118 10.39 13.91 -14.10
N VAL A 119 9.36 13.21 -13.61
CA VAL A 119 9.21 13.01 -12.16
C VAL A 119 8.90 11.54 -11.87
N VAL A 120 9.04 11.19 -10.61
CA VAL A 120 8.78 9.83 -10.14
C VAL A 120 8.05 9.93 -8.80
N GLY A 121 7.07 9.04 -8.57
CA GLY A 121 6.56 8.85 -7.21
C GLY A 121 6.60 7.40 -6.79
N LEU A 122 6.60 7.18 -5.47
CA LEU A 122 6.63 5.84 -4.90
C LEU A 122 5.32 5.55 -4.15
N PHE A 123 4.89 4.30 -4.24
CA PHE A 123 3.64 3.84 -3.62
C PHE A 123 3.85 2.46 -2.99
N ARG A 124 2.80 1.97 -2.31
CA ARG A 124 2.93 0.74 -1.51
C ARG A 124 2.33 -0.52 -2.15
N SER A 125 1.67 -0.37 -3.30
CA SER A 125 1.18 -1.49 -4.10
C SER A 125 0.98 -1.05 -5.55
N GLY A 126 0.91 -2.01 -6.47
CA GLY A 126 0.56 -1.62 -7.80
C GLY A 126 -0.80 -0.96 -7.88
N THR A 127 -1.73 -1.50 -7.11
CA THR A 127 -3.11 -0.97 -7.08
C THR A 127 -3.07 0.54 -6.72
N ALA A 128 -2.35 0.84 -5.66
CA ALA A 128 -2.27 2.23 -5.22
C ALA A 128 -1.61 3.14 -6.24
N ALA A 129 -0.59 2.63 -6.90
CA ALA A 129 0.12 3.41 -7.88
C ALA A 129 -0.73 3.70 -9.11
N VAL A 130 -1.42 2.68 -9.64
CA VAL A 130 -2.16 2.91 -10.85
C VAL A 130 -3.35 3.84 -10.58
N ARG A 131 -4.02 3.64 -9.45
CA ARG A 131 -5.10 4.54 -9.07
C ARG A 131 -4.60 5.98 -8.96
N ALA A 132 -3.48 6.17 -8.25
CA ALA A 132 -2.98 7.55 -8.09
C ALA A 132 -2.61 8.16 -9.43
N ALA A 133 -1.97 7.36 -10.27
CA ALA A 133 -1.55 7.87 -11.58
C ALA A 133 -2.71 8.32 -12.41
N VAL A 134 -3.75 7.50 -12.52
CA VAL A 134 -4.84 7.87 -13.41
C VAL A 134 -5.70 8.99 -12.83
N LEU A 135 -5.85 9.06 -11.50
CA LEU A 135 -6.58 10.17 -10.93
C LEU A 135 -5.80 11.47 -11.16
N ALA A 136 -4.48 11.42 -11.05
CA ALA A 136 -3.68 12.61 -11.33
C ALA A 136 -3.91 13.10 -12.75
N VAL A 137 -3.86 12.18 -13.70
CA VAL A 137 -4.08 12.57 -15.10
C VAL A 137 -5.50 13.13 -15.30
N ARG A 138 -6.51 12.54 -14.66
CA ARG A 138 -7.87 13.09 -14.77
CA ARG A 138 -7.87 13.06 -14.75
C ARG A 138 -7.93 14.52 -14.23
N GLU A 139 -7.29 14.77 -13.09
CA GLU A 139 -7.21 16.14 -12.54
C GLU A 139 -6.45 17.08 -13.46
N ALA A 140 -5.28 16.67 -13.94
CA ALA A 140 -4.48 17.54 -14.80
C ALA A 140 -5.17 17.87 -16.12
N THR A 141 -5.92 16.93 -16.69
CA THR A 141 -6.50 17.16 -18.01
C THR A 141 -7.88 17.78 -17.89
N GLY A 142 -8.49 17.67 -16.71
CA GLY A 142 -9.87 18.12 -16.57
C GLY A 142 -10.91 17.27 -17.28
N ARG A 143 -10.56 16.04 -17.67
CA ARG A 143 -11.49 15.20 -18.42
C ARG A 143 -11.93 13.97 -17.63
N PRO A 144 -13.15 13.49 -17.85
CA PRO A 144 -13.76 12.53 -16.94
C PRO A 144 -13.49 11.05 -17.14
N LEU A 145 -13.27 10.61 -18.38
CA LEU A 145 -13.25 9.17 -18.64
C LEU A 145 -11.84 8.59 -18.72
N LEU A 146 -11.74 7.35 -18.27
CA LEU A 146 -10.53 6.55 -18.49
C LEU A 146 -10.93 5.39 -19.37
N LEU A 147 -10.19 5.17 -20.45
CA LEU A 147 -10.42 3.99 -21.27
C LEU A 147 -9.35 2.95 -20.92
N SER A 148 -9.76 1.73 -20.61
CA SER A 148 -8.86 0.77 -20.00
C SER A 148 -8.79 -0.57 -20.71
N ALA A 149 -7.59 -1.16 -20.73
CA ALA A 149 -7.48 -2.58 -21.08
C ALA A 149 -6.55 -3.24 -20.09
N GLY A 150 -7.00 -4.38 -19.60
CA GLY A 150 -6.25 -5.16 -18.67
C GLY A 150 -6.57 -4.93 -17.20
N TYR A 151 -5.79 -5.58 -16.35
CA TYR A 151 -5.98 -5.52 -14.89
C TYR A 151 -5.15 -4.41 -14.32
N HIS A 152 -5.69 -3.66 -13.36
CA HIS A 152 -5.02 -2.52 -12.76
C HIS A 152 -5.01 -2.58 -11.24
N GLY A 153 -5.43 -3.72 -10.71
CA GLY A 153 -5.43 -3.92 -9.26
C GLY A 153 -6.83 -4.07 -8.69
N TYR A 154 -6.89 -4.16 -7.34
CA TYR A 154 -8.11 -4.62 -6.71
C TYR A 154 -9.12 -3.52 -6.44
N ASP A 155 -8.73 -2.26 -6.62
CA ASP A 155 -9.58 -1.17 -6.16
C ASP A 155 -10.94 -1.21 -6.88
N PRO A 156 -12.03 -0.82 -6.19
CA PRO A 156 -13.35 -0.81 -6.83
C PRO A 156 -13.49 0.10 -8.03
N MET A 157 -12.58 1.05 -8.23
CA MET A 157 -12.68 1.92 -9.40
C MET A 157 -12.60 1.16 -10.70
N TRP A 158 -12.08 -0.07 -10.67
CA TRP A 158 -11.92 -0.87 -11.88
C TRP A 158 -13.00 -1.93 -12.03
N TYR A 159 -13.99 -1.96 -11.15
CA TYR A 159 -15.03 -2.96 -11.27
C TYR A 159 -15.78 -2.81 -12.58
N PRO A 160 -16.32 -3.94 -13.06
CA PRO A 160 -16.99 -3.87 -14.37
C PRO A 160 -18.23 -3.00 -14.41
N SER A 161 -18.49 -2.43 -15.58
CA SER A 161 -19.70 -1.67 -15.80
C SER A 161 -20.88 -2.63 -15.98
N GLU A 162 -22.07 -2.04 -16.09
CA GLU A 162 -23.28 -2.79 -16.44
C GLU A 162 -23.19 -3.48 -17.80
N ALA A 163 -22.82 -2.73 -18.84
CA ALA A 163 -22.63 -3.36 -20.16
C ALA A 163 -21.37 -2.87 -20.87
N PRO A 164 -20.87 -3.68 -21.81
CA PRO A 164 -19.75 -3.22 -22.62
C PRO A 164 -19.97 -1.84 -23.20
N LEU A 165 -18.88 -1.10 -23.30
CA LEU A 165 -18.89 0.27 -23.81
C LEU A 165 -19.55 1.29 -22.91
N GLU A 166 -20.12 0.87 -21.78
CA GLU A 166 -20.64 1.83 -20.79
C GLU A 166 -19.60 2.10 -19.72
N PRO A 167 -19.45 3.36 -19.29
CA PRO A 167 -18.62 3.68 -18.11
C PRO A 167 -19.15 3.04 -16.85
N ASN A 168 -18.24 2.61 -15.99
CA ASN A 168 -18.63 2.17 -14.66
C ASN A 168 -18.87 3.39 -13.77
N ALA A 169 -19.10 3.16 -12.49
CA ALA A 169 -19.43 4.26 -11.61
C ALA A 169 -18.29 5.28 -11.42
N ASP A 170 -17.06 4.88 -11.74
CA ASP A 170 -15.88 5.72 -11.56
C ASP A 170 -15.36 6.23 -12.90
N GLY A 171 -16.18 6.16 -13.95
CA GLY A 171 -15.83 6.77 -15.24
C GLY A 171 -14.88 5.95 -16.11
N VAL A 172 -14.80 4.64 -15.86
CA VAL A 172 -13.87 3.77 -16.58
C VAL A 172 -14.66 2.98 -17.61
N VAL A 173 -14.15 2.95 -18.84
CA VAL A 173 -14.72 2.11 -19.88
C VAL A 173 -13.64 1.13 -20.37
N ASP A 174 -13.97 -0.13 -20.31
CA ASP A 174 -13.07 -1.23 -20.72
C ASP A 174 -13.20 -1.46 -22.24
N PHE A 175 -12.10 -1.48 -22.94
CA PHE A 175 -12.09 -1.88 -24.35
C PHE A 175 -11.47 -3.23 -24.66
N PHE A 176 -11.06 -3.96 -23.64
CA PHE A 176 -10.68 -5.37 -23.78
C PHE A 176 -9.57 -5.65 -24.79
N PHE A 177 -8.71 -4.66 -25.03
CA PHE A 177 -7.60 -4.75 -25.99
C PHE A 177 -8.08 -4.75 -27.43
N ASP A 178 -9.35 -4.44 -27.68
CA ASP A 178 -9.85 -4.45 -29.05
C ASP A 178 -9.73 -3.07 -29.63
N LEU A 179 -8.88 -2.91 -30.64
CA LEU A 179 -8.63 -1.58 -31.17
C LEU A 179 -9.84 -0.98 -31.88
N GLY A 180 -10.74 -1.83 -32.40
CA GLY A 180 -11.99 -1.37 -32.96
C GLY A 180 -12.85 -0.70 -31.90
N LEU A 181 -12.98 -1.36 -30.75
CA LEU A 181 -13.72 -0.77 -29.67
C LEU A 181 -13.04 0.54 -29.21
N LEU A 182 -11.70 0.56 -29.17
CA LEU A 182 -10.99 1.78 -28.80
C LEU A 182 -11.30 2.91 -29.77
N ARG A 183 -11.29 2.63 -31.07
CA ARG A 183 -11.65 3.69 -32.02
C ARG A 183 -13.04 4.20 -31.82
N GLU A 184 -13.98 3.33 -31.49
CA GLU A 184 -15.33 3.77 -31.20
C GLU A 184 -15.36 4.76 -30.02
N LEU A 185 -14.66 4.38 -28.96
CA LEU A 185 -14.60 5.21 -27.77
C LEU A 185 -13.85 6.51 -27.99
N LEU A 186 -12.87 6.53 -28.91
CA LEU A 186 -12.15 7.75 -29.21
C LEU A 186 -12.88 8.68 -30.20
N ARG A 187 -14.12 8.37 -30.54
CA ARG A 187 -14.90 9.29 -31.38
C ARG A 187 -15.14 10.62 -30.66
N ALA A 188 -15.23 10.57 -29.34
CA ALA A 188 -15.44 11.76 -28.53
C ALA A 188 -14.29 11.85 -27.53
N PRO A 189 -13.09 12.18 -28.02
CA PRO A 189 -11.90 12.09 -27.18
C PRO A 189 -11.81 13.24 -26.18
N GLU A 190 -12.65 14.27 -26.38
CA GLU A 190 -12.69 15.39 -25.44
C GLU A 190 -13.12 14.89 -24.05
N ARG A 191 -13.79 13.74 -23.98
CA ARG A 191 -14.24 13.16 -22.71
C ARG A 191 -13.15 12.35 -22.02
N VAL A 192 -12.05 12.07 -22.72
CA VAL A 192 -11.14 11.01 -22.31
C VAL A 192 -9.88 11.60 -21.68
N ALA A 193 -9.69 11.33 -20.39
CA ALA A 193 -8.49 11.77 -19.68
C ALA A 193 -7.27 10.94 -20.07
N ALA A 194 -7.47 9.64 -20.20
CA ALA A 194 -6.36 8.76 -20.53
C ALA A 194 -6.90 7.46 -21.05
N VAL A 195 -6.03 6.80 -21.82
CA VAL A 195 -6.08 5.38 -22.15
C VAL A 195 -5.05 4.70 -21.24
N VAL A 196 -5.45 3.63 -20.54
CA VAL A 196 -4.65 2.97 -19.49
CA VAL A 196 -4.56 2.98 -19.58
C VAL A 196 -4.56 1.48 -19.84
N VAL A 197 -3.37 1.00 -20.19
CA VAL A 197 -3.22 -0.33 -20.77
CA VAL A 197 -3.24 -0.34 -20.75
C VAL A 197 -2.18 -1.14 -20.01
N SER A 198 -2.55 -2.38 -19.66
CA SER A 198 -1.60 -3.31 -19.05
C SER A 198 -1.08 -4.27 -20.13
N PRO A 199 0.19 -4.14 -20.51
CA PRO A 199 0.64 -4.94 -21.65
C PRO A 199 0.61 -6.43 -21.36
N ASP A 200 0.44 -7.18 -22.44
CA ASP A 200 0.75 -8.57 -22.49
C ASP A 200 1.53 -8.84 -23.75
N HIS A 201 2.70 -9.42 -23.59
CA HIS A 201 3.62 -9.69 -24.71
C HIS A 201 3.61 -11.13 -25.21
N MET A 202 2.74 -11.92 -24.63
CA MET A 202 2.38 -13.24 -25.18
C MET A 202 1.31 -13.17 -26.23
N HIS A 203 0.32 -12.29 -26.06
CA HIS A 203 -0.91 -12.31 -26.82
C HIS A 203 -1.16 -11.07 -27.69
N LEU A 204 -0.27 -10.09 -27.63
CA LEU A 204 -0.37 -8.90 -28.45
C LEU A 204 0.98 -8.66 -29.14
N SER A 205 0.93 -8.34 -30.43
CA SER A 205 2.17 -8.10 -31.19
C SER A 205 2.69 -6.68 -31.04
N PRO A 206 3.97 -6.45 -31.36
CA PRO A 206 4.50 -5.10 -31.48
C PRO A 206 3.61 -4.16 -32.30
N GLY A 207 3.11 -4.62 -33.44
CA GLY A 207 2.26 -3.77 -34.27
C GLY A 207 0.97 -3.33 -33.60
N TRP A 208 0.41 -4.19 -32.75
CA TRP A 208 -0.75 -3.82 -31.92
C TRP A 208 -0.43 -2.57 -31.08
N TYR A 209 0.71 -2.60 -30.41
CA TYR A 209 1.13 -1.45 -29.58
C TYR A 209 1.31 -0.19 -30.43
N ARG A 210 1.96 -0.34 -31.58
CA ARG A 210 2.24 0.86 -32.35
C ARG A 210 0.95 1.50 -32.84
N GLU A 211 -0.04 0.66 -33.20
CA GLU A 211 -1.37 1.15 -33.56
C GLU A 211 -2.05 1.86 -32.38
N LEU A 212 -2.01 1.23 -31.20
CA LEU A 212 -2.53 1.89 -29.98
C LEU A 212 -1.91 3.26 -29.80
N ARG A 213 -0.59 3.36 -29.86
CA ARG A 213 0.10 4.62 -29.68
C ARG A 213 -0.40 5.69 -30.69
N ARG A 214 -0.45 5.27 -31.94
CA ARG A 214 -0.90 6.08 -33.08
CA ARG A 214 -0.84 6.21 -32.99
C ARG A 214 -2.28 6.69 -32.82
N LEU A 215 -3.19 5.81 -32.39
CA LEU A 215 -4.58 6.19 -32.14
C LEU A 215 -4.70 7.19 -31.00
N CYS A 216 -3.96 6.93 -29.93
CA CYS A 216 -3.99 7.85 -28.80
C CYS A 216 -3.42 9.22 -29.18
N SER A 217 -2.28 9.24 -29.87
CA SER A 217 -1.66 10.53 -30.26
C SER A 217 -2.58 11.34 -31.19
N ALA A 218 -3.19 10.68 -32.16
CA ALA A 218 -4.10 11.34 -33.09
C ALA A 218 -5.31 11.93 -32.40
N ALA A 219 -5.80 11.22 -31.37
CA ALA A 219 -6.94 11.68 -30.59
C ALA A 219 -6.60 12.72 -29.56
N GLY A 220 -5.32 12.97 -29.33
CA GLY A 220 -4.89 13.96 -28.35
C GLY A 220 -5.13 13.51 -26.92
N VAL A 221 -5.05 12.18 -26.70
CA VAL A 221 -5.33 11.63 -25.38
C VAL A 221 -4.06 11.03 -24.73
N VAL A 222 -3.99 11.15 -23.42
CA VAL A 222 -2.83 10.72 -22.65
C VAL A 222 -2.83 9.19 -22.62
N LEU A 223 -1.64 8.61 -22.75
CA LEU A 223 -1.43 7.16 -22.70
C LEU A 223 -0.63 6.82 -21.44
N VAL A 224 -1.27 5.99 -20.61
CA VAL A 224 -0.68 5.45 -19.40
C VAL A 224 -0.35 3.97 -19.61
N ALA A 225 0.93 3.62 -19.52
CA ALA A 225 1.35 2.21 -19.56
C ALA A 225 1.41 1.68 -18.12
N ASP A 226 0.48 0.77 -17.82
CA ASP A 226 0.48 0.08 -16.54
C ASP A 226 1.42 -1.13 -16.69
N GLU A 227 2.69 -0.88 -16.39
CA GLU A 227 3.77 -1.87 -16.44
C GLU A 227 4.07 -2.46 -15.06
N VAL A 228 3.05 -2.51 -14.20
CA VAL A 228 3.26 -3.15 -12.90
C VAL A 228 3.84 -4.56 -13.09
N LYS A 229 3.32 -5.30 -14.05
CA LYS A 229 3.81 -6.69 -14.25
C LYS A 229 5.04 -6.74 -15.15
N VAL A 230 4.97 -6.05 -16.29
CA VAL A 230 6.00 -6.23 -17.31
C VAL A 230 7.18 -5.29 -17.16
N GLY A 231 7.03 -4.18 -16.42
CA GLY A 231 8.12 -3.24 -16.29
C GLY A 231 9.35 -3.85 -15.65
N LEU A 232 10.49 -3.58 -16.27
CA LEU A 232 11.83 -3.91 -15.77
C LEU A 232 12.16 -5.40 -15.98
N ARG A 233 11.27 -6.17 -16.59
CA ARG A 233 11.45 -7.62 -16.66
C ARG A 233 11.88 -8.05 -18.06
N TYR A 234 11.42 -7.35 -19.11
CA TYR A 234 11.78 -7.64 -20.51
C TYR A 234 13.08 -6.98 -20.92
N ALA A 235 13.52 -6.00 -20.15
CA ALA A 235 14.61 -5.10 -20.46
C ALA A 235 14.88 -4.33 -19.20
N PRO A 236 15.98 -3.57 -19.13
CA PRO A 236 16.20 -2.77 -17.92
C PRO A 236 15.06 -1.79 -17.54
N GLY A 237 14.32 -1.34 -18.54
CA GLY A 237 13.32 -0.31 -18.35
C GLY A 237 11.94 -0.79 -18.77
N LEU A 238 11.17 0.09 -19.41
CA LEU A 238 9.79 -0.25 -19.75
C LEU A 238 9.76 -1.18 -20.96
N SER A 239 8.88 -2.17 -20.94
CA SER A 239 8.75 -3.07 -22.08
C SER A 239 8.21 -2.32 -23.28
N THR A 240 7.50 -1.22 -23.05
CA THR A 240 6.86 -0.47 -24.14
C THR A 240 7.46 0.94 -24.32
N ALA A 241 8.68 1.12 -23.84
CA ALA A 241 9.40 2.40 -23.95
C ALA A 241 9.34 2.96 -25.38
N GLU A 242 9.69 2.12 -26.33
CA GLU A 242 9.64 2.52 -27.75
C GLU A 242 8.31 2.23 -28.42
N LEU A 243 7.69 1.11 -28.08
CA LEU A 243 6.43 0.71 -28.69
C LEU A 243 5.32 1.70 -28.41
N LEU A 244 5.23 2.16 -27.15
CA LEU A 244 4.20 3.09 -26.74
C LEU A 244 4.68 4.49 -26.42
N ALA A 245 5.91 4.66 -25.95
CA ALA A 245 6.41 5.95 -25.49
C ALA A 245 5.34 6.62 -24.62
N PRO A 246 4.94 5.93 -23.54
CA PRO A 246 3.79 6.41 -22.80
C PRO A 246 4.05 7.73 -22.08
N ASP A 247 2.99 8.49 -21.87
CA ASP A 247 3.11 9.75 -21.17
C ASP A 247 3.37 9.54 -19.68
N VAL A 248 2.80 8.45 -19.15
CA VAL A 248 2.90 8.12 -17.73
C VAL A 248 3.11 6.61 -17.72
N TRP A 249 4.00 6.20 -16.83
CA TRP A 249 4.29 4.78 -16.62
C TRP A 249 4.08 4.39 -15.17
N VAL A 250 3.82 3.10 -14.95
CA VAL A 250 3.75 2.52 -13.62
C VAL A 250 4.55 1.21 -13.68
N VAL A 251 5.40 1.01 -12.67
CA VAL A 251 6.09 -0.28 -12.49
C VAL A 251 5.97 -0.77 -11.04
N ALA A 252 6.20 -2.05 -10.81
CA ALA A 252 6.25 -2.52 -9.44
C ALA A 252 6.90 -3.87 -9.26
N LYS A 253 6.40 -4.88 -9.96
CA LYS A 253 6.87 -6.24 -9.70
CA LYS A 253 6.87 -6.25 -9.71
C LYS A 253 8.37 -6.40 -9.95
N GLY A 254 8.91 -5.59 -10.86
CA GLY A 254 10.31 -5.73 -11.20
C GLY A 254 11.29 -5.03 -10.28
N MET A 255 10.83 -4.19 -9.34
CA MET A 255 11.70 -3.18 -8.74
C MET A 255 12.34 -3.51 -7.39
N ALA A 256 11.90 -4.58 -6.71
CA ALA A 256 12.30 -4.77 -5.33
C ALA A 256 12.31 -6.22 -4.88
N ASN A 257 12.42 -7.12 -5.84
CA ASN A 257 12.37 -8.57 -5.57
C ASN A 257 11.25 -8.98 -4.63
N GLY A 258 10.09 -8.37 -4.79
CA GLY A 258 8.87 -8.80 -4.09
C GLY A 258 8.46 -7.87 -2.95
N HIS A 259 9.33 -6.94 -2.59
CA HIS A 259 9.09 -6.06 -1.47
C HIS A 259 8.03 -4.99 -1.82
N ALA A 260 7.44 -4.40 -0.79
CA ALA A 260 6.18 -3.65 -0.89
C ALA A 260 6.33 -2.21 -1.42
N VAL A 261 6.64 -2.10 -2.71
CA VAL A 261 6.82 -0.82 -3.35
C VAL A 261 6.45 -0.92 -4.81
N SER A 262 5.97 0.22 -5.31
CA SER A 262 5.65 0.46 -6.70
C SER A 262 6.07 1.90 -7.03
N ALA A 263 6.01 2.20 -8.34
CA ALA A 263 6.39 3.54 -8.76
C ALA A 263 5.63 4.01 -9.98
N VAL A 264 5.48 5.33 -10.05
CA VAL A 264 4.85 6.02 -11.18
C VAL A 264 5.82 7.07 -11.68
N GLY A 265 5.83 7.33 -12.98
CA GLY A 265 6.58 8.47 -13.48
C GLY A 265 6.10 8.95 -14.82
N GLY A 266 6.68 10.06 -15.27
CA GLY A 266 6.19 10.70 -16.50
C GLY A 266 6.23 12.21 -16.39
N SER A 267 5.32 12.91 -17.08
CA SER A 267 5.48 14.35 -17.18
C SER A 267 5.13 15.03 -15.88
N ARG A 268 5.84 16.10 -15.61
CA ARG A 268 5.64 16.93 -14.45
C ARG A 268 4.23 17.46 -14.45
N ARG A 269 3.75 17.88 -15.62
CA ARG A 269 2.44 18.50 -15.70
C ARG A 269 1.36 17.50 -15.37
N LEU A 270 1.43 16.31 -15.96
CA LEU A 270 0.36 15.36 -15.81
C LEU A 270 0.35 14.78 -14.39
N LEU A 271 1.50 14.76 -13.73
CA LEU A 271 1.62 14.18 -12.41
C LEU A 271 1.67 15.20 -11.29
N LYS A 272 1.48 16.48 -11.62
CA LYS A 272 1.47 17.50 -10.61
C LYS A 272 0.53 17.17 -9.43
N PRO A 273 -0.67 16.61 -9.70
CA PRO A 273 -1.54 16.29 -8.56
C PRO A 273 -0.97 15.28 -7.57
N LEU A 274 0.08 14.54 -7.93
CA LEU A 274 0.75 13.68 -6.95
C LEU A 274 1.41 14.44 -5.81
N LYS A 275 1.51 15.77 -5.89
CA LYS A 275 2.07 16.53 -4.78
C LYS A 275 1.21 16.28 -3.52
N GLU A 276 -0.05 15.87 -3.68
CA GLU A 276 -0.94 15.65 -2.53
C GLU A 276 -0.67 14.29 -1.85
N VAL A 277 0.19 13.47 -2.40
CA VAL A 277 0.44 12.13 -1.82
C VAL A 277 1.51 12.23 -0.73
N SER A 278 1.17 11.66 0.43
CA SER A 278 2.08 11.38 1.51
C SER A 278 1.52 10.18 2.23
N PHE A 279 2.37 9.28 2.73
CA PHE A 279 1.93 8.18 3.58
C PHE A 279 3.00 7.85 4.61
N THR A 280 2.54 7.39 5.76
CA THR A 280 3.33 7.24 6.98
C THR A 280 4.57 6.41 6.80
N SER A 281 4.50 5.29 6.09
CA SER A 281 5.66 4.43 5.92
C SER A 281 6.61 4.78 4.80
N PHE A 282 6.46 5.96 4.22
CA PHE A 282 7.25 6.35 3.01
C PHE A 282 8.75 6.13 3.12
N PHE A 283 9.30 6.37 4.31
CA PHE A 283 10.76 6.32 4.52
C PHE A 283 11.24 5.01 5.10
N GLU A 284 10.36 4.00 5.21
CA GLU A 284 10.74 2.75 5.85
C GLU A 284 12.00 2.20 5.14
N PRO A 285 13.08 1.98 5.90
CA PRO A 285 14.37 1.78 5.22
C PRO A 285 14.57 0.39 4.60
N THR A 286 13.88 -0.65 5.08
CA THR A 286 14.09 -1.95 4.48
C THR A 286 13.59 -2.01 3.05
N ILE A 287 12.45 -1.36 2.78
CA ILE A 287 11.91 -1.38 1.44
C ILE A 287 12.82 -0.58 0.48
N LEU A 288 13.32 0.56 0.95
CA LEU A 288 14.28 1.34 0.14
C LEU A 288 15.52 0.52 -0.14
N ALA A 289 15.97 -0.25 0.87
CA ALA A 289 17.13 -1.11 0.68
C ALA A 289 16.94 -2.18 -0.36
N ALA A 290 15.79 -2.85 -0.34
CA ALA A 290 15.46 -3.88 -1.31
C ALA A 290 15.37 -3.27 -2.70
N ALA A 291 14.71 -2.13 -2.82
CA ALA A 291 14.53 -1.51 -4.13
C ALA A 291 15.86 -1.07 -4.70
N ASP A 292 16.69 -0.45 -3.87
CA ASP A 292 17.97 0.06 -4.35
C ASP A 292 18.83 -1.13 -4.81
N ALA A 293 18.87 -2.20 -4.04
CA ALA A 293 19.63 -3.40 -4.45
C ALA A 293 19.10 -4.06 -5.68
N ALA A 294 17.79 -4.26 -5.75
CA ALA A 294 17.20 -4.95 -6.88
C ALA A 294 17.35 -4.11 -8.14
N LEU A 295 17.14 -2.82 -8.00
CA LEU A 295 17.23 -1.95 -9.19
C LEU A 295 18.66 -1.89 -9.72
N ALA A 296 19.64 -1.98 -8.83
CA ALA A 296 21.04 -2.02 -9.28
C ALA A 296 21.25 -3.21 -10.21
N ARG A 297 20.68 -4.36 -9.84
CA ARG A 297 20.84 -5.55 -10.66
CA ARG A 297 20.81 -5.56 -10.65
C ARG A 297 19.99 -5.47 -11.94
N VAL A 298 18.77 -4.95 -11.83
CA VAL A 298 17.93 -4.77 -12.99
C VAL A 298 18.59 -3.86 -14.03
N ALA A 299 19.31 -2.84 -13.58
CA ALA A 299 19.91 -1.88 -14.51
C ALA A 299 20.96 -2.53 -15.42
N THR A 300 21.54 -3.65 -14.98
CA THR A 300 22.56 -4.35 -15.79
C THR A 300 22.00 -5.10 -16.99
N GLY A 301 20.71 -5.41 -16.98
CA GLY A 301 20.09 -6.30 -17.94
C GLY A 301 20.33 -7.78 -17.75
N GLU A 302 21.15 -8.12 -16.77
CA GLU A 302 21.55 -9.54 -16.55
C GLU A 302 20.40 -10.45 -16.09
N PRO A 303 19.66 -10.06 -15.03
CA PRO A 303 18.59 -10.94 -14.60
C PRO A 303 17.51 -11.18 -15.65
N GLN A 304 17.19 -10.14 -16.41
CA GLN A 304 16.20 -10.31 -17.47
C GLN A 304 16.67 -11.29 -18.56
N ARG A 305 17.93 -11.21 -18.92
CA ARG A 305 18.50 -12.13 -19.91
C ARG A 305 18.53 -13.56 -19.37
N ALA A 306 18.91 -13.68 -18.11
CA ALA A 306 18.96 -14.98 -17.46
C ALA A 306 17.61 -15.64 -17.39
N VAL A 307 16.60 -14.84 -17.08
CA VAL A 307 15.24 -15.31 -17.07
C VAL A 307 14.80 -15.80 -18.45
N ARG A 308 15.02 -14.96 -19.48
CA ARG A 308 14.58 -15.27 -20.82
C ARG A 308 15.25 -16.58 -21.26
N GLU A 309 16.53 -16.71 -20.99
CA GLU A 309 17.29 -17.86 -21.49
C GLU A 309 16.89 -19.13 -20.76
N ALA A 310 16.69 -19.02 -19.45
CA ALA A 310 16.28 -20.17 -18.66
C ALA A 310 14.89 -20.61 -19.00
N GLY A 311 13.96 -19.66 -19.11
CA GLY A 311 12.64 -20.05 -19.52
C GLY A 311 12.57 -20.59 -20.95
N ASP A 312 13.32 -20.02 -21.87
CA ASP A 312 13.37 -20.51 -23.25
C ASP A 312 13.86 -21.99 -23.26
N ARG A 313 14.84 -22.29 -22.43
CA ARG A 313 15.35 -23.66 -22.39
C ARG A 313 14.27 -24.57 -21.83
N PHE A 314 13.59 -24.13 -20.77
CA PHE A 314 12.54 -24.94 -20.25
C PHE A 314 11.44 -25.18 -21.28
N LEU A 315 11.06 -24.13 -22.01
CA LEU A 315 10.02 -24.23 -23.01
C LEU A 315 10.39 -25.16 -24.15
N ARG A 316 11.63 -25.13 -24.62
CA ARG A 316 11.88 -26.01 -25.74
C ARG A 316 11.72 -27.47 -25.29
N HIS A 317 12.19 -27.75 -24.07
CA HIS A 317 11.97 -29.07 -23.46
C HIS A 317 10.51 -29.40 -23.25
N ALA A 318 9.74 -28.47 -22.68
CA ALA A 318 8.33 -28.73 -22.49
C ALA A 318 7.53 -28.94 -23.78
N ARG A 319 7.79 -28.14 -24.81
CA ARG A 319 7.09 -28.29 -26.11
C ARG A 319 7.37 -29.66 -26.71
N LYS A 320 8.62 -30.09 -26.64
CA LYS A 320 9.01 -31.40 -27.17
C LYS A 320 8.29 -32.49 -26.42
N ALA A 321 8.32 -32.38 -25.09
CA ALA A 321 7.68 -33.36 -24.25
C ALA A 321 6.18 -33.48 -24.51
N LEU A 322 5.53 -32.35 -24.75
CA LEU A 322 4.11 -32.35 -25.01
C LEU A 322 3.87 -32.97 -26.38
N ASP A 323 4.71 -32.63 -27.34
CA ASP A 323 4.53 -33.14 -28.71
C ASP A 323 4.76 -34.66 -28.74
N ASP A 324 5.84 -35.11 -28.12
CA ASP A 324 6.10 -36.54 -27.97
C ASP A 324 4.99 -37.36 -27.32
N ALA A 325 4.19 -36.76 -26.44
CA ALA A 325 3.06 -37.44 -25.82
C ALA A 325 1.75 -37.21 -26.54
N SER A 326 1.80 -36.56 -27.70
CA SER A 326 0.61 -36.19 -28.42
C SER A 326 -0.44 -35.53 -27.52
N LEU A 327 0.02 -34.61 -26.68
CA LEU A 327 -0.88 -33.84 -25.81
C LEU A 327 -1.27 -32.52 -26.44
N PRO A 328 -2.57 -32.21 -26.54
CA PRO A 328 -2.99 -30.97 -27.20
C PRO A 328 -2.95 -29.76 -26.23
N VAL A 329 -1.72 -29.33 -26.01
CA VAL A 329 -1.40 -28.17 -25.18
C VAL A 329 -0.36 -27.34 -25.94
N GLU A 330 -0.76 -26.12 -26.32
CA GLU A 330 0.17 -25.15 -26.85
C GLU A 330 0.81 -24.36 -25.72
N ILE A 331 1.92 -23.68 -26.00
CA ILE A 331 2.47 -22.73 -25.05
C ILE A 331 2.66 -21.37 -25.68
N ALA A 332 1.94 -20.39 -25.14
CA ALA A 332 2.05 -19.01 -25.58
C ALA A 332 3.18 -18.31 -24.85
N GLY A 333 3.73 -17.28 -25.47
CA GLY A 333 4.77 -16.50 -24.82
C GLY A 333 6.21 -17.03 -24.98
N ASP A 334 7.06 -16.74 -24.02
CA ASP A 334 8.50 -17.02 -24.14
C ASP A 334 9.08 -17.13 -22.74
N GLY A 335 10.40 -17.14 -22.62
CA GLY A 335 11.00 -17.43 -21.34
C GLY A 335 10.71 -16.40 -20.27
N THR A 336 10.48 -15.15 -20.68
CA THR A 336 10.17 -14.09 -19.73
C THR A 336 8.80 -14.31 -19.05
N PHE A 337 7.80 -14.69 -19.83
CA PHE A 337 6.50 -15.09 -19.35
C PHE A 337 5.88 -16.02 -20.39
N PHE A 338 5.46 -17.23 -19.99
CA PHE A 338 4.75 -18.16 -20.88
C PHE A 338 3.48 -18.69 -20.25
N GLN A 339 2.65 -19.27 -21.07
CA GLN A 339 1.36 -19.74 -20.63
C GLN A 339 0.93 -20.99 -21.35
N PHE A 340 0.59 -22.04 -20.59
CA PHE A 340 0.02 -23.24 -21.19
C PHE A 340 -1.38 -22.98 -21.70
N VAL A 341 -1.67 -23.45 -22.92
CA VAL A 341 -2.96 -23.30 -23.56
C VAL A 341 -3.52 -24.68 -23.93
N PRO A 342 -4.22 -25.31 -22.99
CA PRO A 342 -4.70 -26.68 -23.23
C PRO A 342 -5.95 -26.68 -24.09
N ALA A 343 -6.23 -27.75 -24.83
CA ALA A 343 -7.41 -27.76 -25.69
C ALA A 343 -8.74 -27.76 -24.97
N THR A 344 -8.78 -28.31 -23.75
CA THR A 344 -9.99 -28.32 -22.95
C THR A 344 -9.73 -27.96 -21.49
N GLU A 345 -10.78 -27.54 -20.81
CA GLU A 345 -10.68 -27.20 -19.38
C GLU A 345 -10.33 -28.43 -18.57
N GLU A 346 -10.92 -29.56 -18.95
CA GLU A 346 -10.63 -30.80 -18.28
C GLU A 346 -9.16 -31.12 -18.35
N LEU A 347 -8.53 -30.96 -19.50
CA LEU A 347 -7.11 -31.15 -19.59
C LEU A 347 -6.26 -30.08 -18.85
N GLU A 348 -6.71 -28.84 -18.87
CA GLU A 348 -6.04 -27.80 -18.08
C GLU A 348 -5.96 -28.16 -16.58
N GLU A 349 -7.09 -28.58 -16.04
CA GLU A 349 -7.15 -29.03 -14.65
C GLU A 349 -6.20 -30.22 -14.39
N ALA A 350 -6.20 -31.19 -15.30
CA ALA A 350 -5.30 -32.30 -15.15
C ALA A 350 -3.84 -31.95 -15.24
N LEU A 351 -3.52 -31.00 -16.11
CA LEU A 351 -2.16 -30.58 -16.24
C LEU A 351 -1.58 -30.01 -14.91
N TYR A 352 -2.33 -29.11 -14.29
CA TYR A 352 -1.83 -28.51 -13.05
C TYR A 352 -1.85 -29.53 -11.92
N GLY A 353 -2.85 -30.40 -11.91
CA GLY A 353 -2.86 -31.51 -10.92
C GLY A 353 -1.62 -32.39 -11.03
N ALA A 354 -1.26 -32.73 -12.27
CA ALA A 354 -0.05 -33.46 -12.47
C ALA A 354 1.20 -32.68 -12.13
N ALA A 355 1.24 -31.39 -12.46
CA ALA A 355 2.39 -30.61 -12.07
C ALA A 355 2.54 -30.51 -10.53
N ASN A 356 1.41 -30.37 -9.86
CA ASN A 356 1.37 -30.36 -8.40
C ASN A 356 2.01 -31.64 -7.84
N ALA A 357 1.66 -32.81 -8.38
CA ALA A 357 2.28 -34.09 -7.96
C ALA A 357 3.79 -34.16 -8.12
N GLU A 358 4.33 -33.60 -9.20
CA GLU A 358 5.75 -33.61 -9.42
C GLU A 358 6.48 -32.47 -8.79
N GLY A 359 5.74 -31.63 -8.06
CA GLY A 359 6.38 -30.49 -7.43
C GLY A 359 6.86 -29.37 -8.35
N LEU A 360 6.09 -29.11 -9.39
CA LEU A 360 6.30 -27.93 -10.24
C LEU A 360 5.17 -27.00 -9.90
N LEU A 361 5.51 -25.86 -9.29
CA LEU A 361 4.45 -24.91 -8.92
C LEU A 361 4.23 -23.89 -10.01
N PHE A 362 3.16 -24.11 -10.77
CA PHE A 362 2.75 -23.13 -11.79
C PHE A 362 1.68 -22.22 -11.20
N TYR A 363 1.66 -20.98 -11.68
CA TYR A 363 0.58 -20.06 -11.40
C TYR A 363 -0.59 -20.50 -12.26
N ALA A 364 -1.57 -21.15 -11.64
CA ALA A 364 -2.58 -21.93 -12.37
C ALA A 364 -3.37 -21.09 -13.37
N GLY A 365 -3.32 -21.48 -14.63
CA GLY A 365 -4.16 -20.84 -15.65
C GLY A 365 -3.54 -19.58 -16.25
N ASP A 366 -2.48 -19.08 -15.62
CA ASP A 366 -2.00 -17.69 -15.84
C ASP A 366 -0.57 -17.82 -16.41
N ASN A 367 0.28 -16.80 -16.22
CA ASN A 367 1.61 -16.86 -16.77
C ASN A 367 2.66 -17.32 -15.78
N GLN A 368 3.63 -18.05 -16.33
CA GLN A 368 4.75 -18.61 -15.60
C GLN A 368 5.96 -17.72 -15.80
N GLY A 369 6.58 -17.34 -14.69
CA GLY A 369 7.63 -16.38 -14.67
C GLY A 369 8.80 -16.86 -13.84
N VAL A 370 9.75 -17.56 -14.47
CA VAL A 370 10.92 -18.01 -13.78
C VAL A 370 11.75 -16.84 -13.28
N SER A 371 12.65 -17.09 -12.32
CA SER A 371 13.53 -16.12 -11.79
C SER A 371 14.97 -16.36 -12.23
N ALA A 372 15.84 -15.42 -11.92
CA ALA A 372 17.27 -15.53 -12.23
C ALA A 372 17.99 -16.64 -11.45
N ALA A 373 17.31 -17.26 -10.48
CA ALA A 373 17.87 -18.39 -9.72
C ALA A 373 17.62 -19.71 -10.44
N PHE A 374 17.00 -19.68 -11.61
CA PHE A 374 16.80 -20.89 -12.40
C PHE A 374 18.04 -21.30 -13.13
N ASP A 375 18.90 -22.02 -12.42
CA ASP A 375 20.18 -22.42 -12.93
C ASP A 375 20.08 -23.82 -13.53
N GLU A 376 21.25 -24.33 -13.91
CA GLU A 376 21.35 -25.62 -14.59
C GLU A 376 20.77 -26.72 -13.73
N ALA A 377 21.14 -26.69 -12.46
CA ALA A 377 20.61 -27.65 -11.51
C ALA A 377 19.09 -27.62 -11.46
N VAL A 378 18.53 -26.41 -11.31
CA VAL A 378 17.10 -26.27 -11.26
C VAL A 378 16.41 -26.71 -12.55
N LEU A 379 16.94 -26.21 -13.67
CA LEU A 379 16.39 -26.52 -14.98
C LEU A 379 16.38 -28.04 -15.29
N GLY A 380 17.49 -28.67 -14.95
CA GLY A 380 17.63 -30.11 -15.12
C GLY A 380 16.55 -30.83 -14.35
N GLU A 381 16.40 -30.45 -13.09
CA GLU A 381 15.31 -31.02 -12.30
C GLU A 381 13.89 -30.66 -12.76
N ALA A 382 13.67 -29.41 -13.18
CA ALA A 382 12.35 -29.05 -13.74
C ALA A 382 12.02 -29.81 -15.01
N GLU A 383 13.04 -29.99 -15.86
CA GLU A 383 12.90 -30.77 -17.09
C GLU A 383 12.52 -32.19 -16.75
N ARG A 384 13.27 -32.81 -15.85
CA ARG A 384 12.94 -34.17 -15.40
CA ARG A 384 12.94 -34.16 -15.46
C ARG A 384 11.53 -34.23 -14.87
N ARG A 385 11.19 -33.31 -13.98
CA ARG A 385 9.83 -33.29 -13.46
C ARG A 385 8.71 -33.04 -14.48
N PHE A 386 8.97 -32.17 -15.44
CA PHE A 386 7.99 -31.95 -16.49
C PHE A 386 7.79 -33.19 -17.39
N ALA A 387 8.85 -33.96 -17.63
CA ALA A 387 8.70 -35.22 -18.37
C ALA A 387 7.71 -36.15 -17.66
N ARG A 388 7.80 -36.18 -16.33
CA ARG A 388 6.89 -36.99 -15.52
C ARG A 388 5.46 -36.45 -15.51
N VAL A 389 5.27 -35.12 -15.55
CA VAL A 389 3.98 -34.57 -15.83
C VAL A 389 3.40 -35.10 -17.14
N CYS A 390 4.21 -35.14 -18.19
CA CYS A 390 3.68 -35.62 -19.47
C CYS A 390 3.27 -37.12 -19.43
N GLU A 391 4.08 -37.92 -18.74
CA GLU A 391 3.70 -39.32 -18.45
C GLU A 391 2.34 -39.43 -17.80
N ARG A 392 2.04 -38.56 -16.82
CA ARG A 392 0.79 -38.63 -16.09
CA ARG A 392 0.77 -38.60 -16.10
C ARG A 392 -0.47 -38.28 -16.92
N LEU A 393 -0.33 -37.47 -17.97
CA LEU A 393 -1.48 -37.02 -18.76
C LEU A 393 -1.85 -37.90 -19.99
N ALA A 394 -1.29 -39.11 -20.05
CA ALA A 394 -1.65 -40.11 -21.07
C ALA A 394 -3.15 -40.28 -21.35
N PRO A 395 -4.01 -40.29 -20.32
CA PRO A 395 -5.43 -40.39 -20.64
C PRO A 395 -5.99 -39.32 -21.59
N TYR A 396 -5.19 -38.28 -21.87
CA TYR A 396 -5.53 -37.18 -22.77
C TYR A 396 -4.78 -37.16 -24.12
N ALA A 397 -3.79 -38.03 -24.29
CA ALA A 397 -3.12 -38.23 -25.59
C ALA A 397 -4.08 -38.38 -26.78
N GLY A 398 -3.67 -37.81 -27.91
CA GLY A 398 -4.45 -37.90 -29.14
C GLY A 398 -5.72 -37.09 -29.18
N GLY A 399 -5.97 -36.23 -28.17
CA GLY A 399 -7.20 -35.44 -28.15
C GLY A 399 -7.20 -34.38 -29.26
N GLU A 400 -8.37 -33.84 -29.54
CA GLU A 400 -8.53 -32.86 -30.60
C GLU A 400 -7.57 -31.70 -30.31
N PRO A 401 -6.89 -31.17 -31.34
CA PRO A 401 -5.92 -30.10 -31.09
C PRO A 401 -6.61 -28.81 -30.64
N VAL A 402 -5.80 -27.93 -30.05
CA VAL A 402 -6.28 -26.64 -29.51
C VAL A 402 -7.03 -25.86 -30.57
N GLY A 403 -8.17 -25.29 -30.22
CA GLY A 403 -8.90 -24.40 -31.10
C GLY A 403 -8.94 -23.00 -30.53
N ASP A 404 -9.48 -22.07 -31.32
CA ASP A 404 -9.44 -20.67 -30.94
C ASP A 404 -10.27 -20.39 -29.70
N ALA A 405 -11.39 -21.08 -29.50
CA ALA A 405 -12.18 -20.86 -28.29
C ALA A 405 -11.30 -21.04 -27.04
N ALA A 406 -10.51 -22.08 -27.02
CA ALA A 406 -9.56 -22.34 -25.94
C ALA A 406 -8.51 -21.23 -25.84
N ARG A 407 -7.95 -20.81 -26.98
CA ARG A 407 -6.97 -19.74 -26.97
C ARG A 407 -7.60 -18.48 -26.36
N TYR A 408 -8.83 -18.15 -26.73
CA TYR A 408 -9.45 -16.93 -26.22
C TYR A 408 -9.68 -17.07 -24.70
N ARG A 409 -10.19 -18.24 -24.29
CA ARG A 409 -10.51 -18.43 -22.87
C ARG A 409 -9.28 -18.33 -21.98
N VAL A 410 -8.22 -19.00 -22.39
CA VAL A 410 -6.98 -19.02 -21.66
C VAL A 410 -6.32 -17.63 -21.61
N ALA A 411 -6.27 -16.95 -22.74
CA ALA A 411 -5.69 -15.64 -22.76
C ALA A 411 -6.48 -14.69 -21.86
N TRP A 412 -7.80 -14.84 -21.81
CA TRP A 412 -8.62 -13.92 -20.99
C TRP A 412 -8.22 -14.07 -19.53
N ASN A 413 -7.86 -15.28 -19.12
CA ASN A 413 -7.46 -15.49 -17.74
C ASN A 413 -6.22 -14.71 -17.34
N VAL A 414 -5.32 -14.47 -18.28
CA VAL A 414 -4.09 -13.72 -17.99
C VAL A 414 -4.22 -12.22 -18.29
N MET A 415 -5.08 -11.83 -19.20
CA MET A 415 -5.15 -10.43 -19.57
C MET A 415 -6.47 -9.70 -19.30
N ASP A 416 -7.52 -10.43 -18.91
CA ASP A 416 -8.87 -9.87 -18.70
C ASP A 416 -9.31 -9.09 -19.93
N GLY A 417 -8.96 -9.64 -21.09
CA GLY A 417 -9.46 -9.11 -22.35
C GLY A 417 -9.06 -10.06 -23.47
N LEU A 418 -9.09 -9.54 -24.70
CA LEU A 418 -8.98 -10.32 -25.93
C LEU A 418 -7.57 -10.37 -26.48
N ARG A 419 -7.04 -11.57 -26.62
CA ARG A 419 -5.83 -11.80 -27.39
C ARG A 419 -6.03 -11.26 -28.81
N GLN A 420 -4.94 -10.79 -29.42
CA GLN A 420 -4.98 -10.29 -30.77
C GLN A 420 -5.06 -11.43 -31.77
N ALA A 421 -6.05 -11.35 -32.65
CA ALA A 421 -6.20 -12.29 -33.77
C ALA A 421 -7.25 -11.71 -34.68
N PRO A 422 -7.26 -12.13 -35.95
CA PRO A 422 -8.23 -11.52 -36.87
C PRO A 422 -9.66 -11.76 -36.43
N ARG A 423 -10.49 -10.71 -36.45
CA ARG A 423 -11.84 -10.72 -35.91
C ARG A 423 -12.63 -9.69 -36.67
N ASP A 424 -13.90 -9.93 -36.92
CA ASP A 424 -14.84 -8.85 -37.17
C ASP A 424 -15.60 -8.44 -35.90
N ARG A 425 -16.37 -7.35 -36.00
CA ARG A 425 -17.10 -6.83 -34.86
C ARG A 425 -18.07 -7.84 -34.25
N GLU A 426 -18.75 -8.62 -35.08
CA GLU A 426 -19.66 -9.61 -34.54
C GLU A 426 -18.91 -10.67 -33.72
N GLU A 427 -17.74 -11.09 -34.18
CA GLU A 427 -16.98 -12.10 -33.44
C GLU A 427 -16.56 -11.51 -32.08
N THR A 428 -16.12 -10.25 -32.14
CA THR A 428 -15.68 -9.55 -30.94
C THR A 428 -16.85 -9.50 -29.93
N THR A 429 -18.02 -9.10 -30.40
CA THR A 429 -19.19 -9.03 -29.54
C THR A 429 -19.54 -10.37 -28.87
N GLY A 430 -19.56 -11.44 -29.67
CA GLY A 430 -19.80 -12.79 -29.15
C GLY A 430 -18.79 -13.27 -28.12
N LEU A 431 -17.52 -12.95 -28.35
CA LEU A 431 -16.46 -13.35 -27.44
C LEU A 431 -16.63 -12.64 -26.10
N LEU A 432 -17.00 -11.37 -26.13
CA LEU A 432 -17.25 -10.65 -24.90
C LEU A 432 -18.45 -11.20 -24.11
N ALA A 433 -19.53 -11.50 -24.82
CA ALA A 433 -20.67 -12.16 -24.21
C ALA A 433 -20.25 -13.47 -23.55
N ARG A 434 -19.44 -14.25 -24.24
CA ARG A 434 -18.96 -15.55 -23.73
C ARG A 434 -18.08 -15.33 -22.50
N LEU A 435 -17.12 -14.41 -22.57
CA LEU A 435 -16.03 -14.42 -21.59
C LEU A 435 -16.25 -13.48 -20.42
N LEU A 436 -17.18 -12.53 -20.56
CA LEU A 436 -17.57 -11.71 -19.41
C LEU A 436 -18.45 -12.48 -18.43
N SER B 28 14.80 17.94 -8.79
CA SER B 28 13.49 17.76 -8.10
C SER B 28 12.69 16.61 -8.76
N LEU B 29 13.17 15.38 -8.61
CA LEU B 29 12.56 14.24 -9.26
C LEU B 29 11.27 13.83 -8.56
N LEU B 30 11.16 14.02 -7.25
CA LEU B 30 9.99 13.45 -6.54
C LEU B 30 8.69 14.19 -6.83
N ALA B 31 7.69 13.45 -7.29
CA ALA B 31 6.42 14.04 -7.68
C ALA B 31 5.53 14.28 -6.47
N GLU B 32 5.81 13.57 -5.39
CA GLU B 32 5.01 13.60 -4.16
C GLU B 32 5.58 14.62 -3.20
N PHE B 33 4.86 14.95 -2.14
CA PHE B 33 5.37 15.85 -1.12
C PHE B 33 5.21 15.15 0.23
N PRO B 34 6.20 14.34 0.59
CA PRO B 34 6.08 13.52 1.81
C PRO B 34 6.16 14.34 3.08
N THR B 35 5.34 14.01 4.07
CA THR B 35 5.48 14.60 5.40
C THR B 35 6.74 14.03 6.04
N CYS B 36 7.63 14.92 6.48
CA CYS B 36 8.87 14.50 7.09
C CYS B 36 9.46 15.72 7.75
N PRO B 37 10.42 15.51 8.66
CA PRO B 37 11.13 16.63 9.23
C PRO B 37 11.83 17.43 8.13
N ARG B 38 11.66 18.75 8.17
CA ARG B 38 12.24 19.63 7.19
C ARG B 38 12.97 20.75 7.89
N ASP B 39 13.98 21.28 7.22
CA ASP B 39 14.85 22.32 7.78
C ASP B 39 14.28 23.73 7.50
N GLU B 40 15.11 24.73 7.79
CA GLU B 40 14.73 26.14 7.65
C GLU B 40 14.38 26.55 6.21
N LYS B 41 14.91 25.83 5.24
CA LYS B 41 14.57 26.06 3.83
C LYS B 41 13.49 25.12 3.31
N ASP B 42 12.80 24.47 4.23
CA ASP B 42 11.80 23.45 3.94
C ASP B 42 12.32 22.24 3.17
N ARG B 43 13.62 21.96 3.27
CA ARG B 43 14.17 20.77 2.65
C ARG B 43 14.14 19.63 3.68
N PRO B 44 13.87 18.41 3.23
CA PRO B 44 13.89 17.28 4.16
C PRO B 44 15.21 17.15 4.89
N ARG B 45 15.15 16.96 6.21
CA ARG B 45 16.34 16.61 6.96
C ARG B 45 16.78 15.21 6.59
N VAL B 46 18.09 15.04 6.44
CA VAL B 46 18.60 13.75 6.00
C VAL B 46 19.19 13.01 7.18
N PHE B 47 18.62 11.84 7.49
CA PHE B 47 19.08 11.01 8.62
C PHE B 47 19.80 9.79 8.14
N THR B 48 20.99 9.56 8.67
CA THR B 48 21.83 8.51 8.17
C THR B 48 21.77 7.26 9.03
N ALA B 49 21.31 7.40 10.26
CA ALA B 49 21.30 6.29 11.20
C ALA B 49 20.32 6.53 12.32
N ALA B 50 19.85 5.44 12.92
CA ALA B 50 18.89 5.52 14.02
C ALA B 50 19.05 4.32 14.92
N SER B 51 18.92 4.53 16.22
CA SER B 51 18.89 3.46 17.20
CA SER B 51 18.92 3.46 17.23
C SER B 51 18.09 3.90 18.42
N GLY B 52 17.03 3.16 18.74
CA GLY B 52 16.23 3.48 19.91
C GLY B 52 15.53 4.80 19.75
N ALA B 53 15.80 5.75 20.63
CA ALA B 53 15.23 7.08 20.58
C ALA B 53 16.07 8.06 19.75
N TRP B 54 17.25 7.63 19.29
CA TRP B 54 18.26 8.52 18.72
C TRP B 54 18.34 8.47 17.20
N LEU B 55 18.39 9.64 16.57
CA LEU B 55 18.74 9.78 15.14
C LEU B 55 20.07 10.50 14.94
N THR B 56 20.78 10.16 13.88
CA THR B 56 21.94 10.94 13.44
C THR B 56 21.68 11.60 12.08
N ASP B 57 21.88 12.92 11.91
CA ASP B 57 21.64 13.49 10.57
C ASP B 57 22.91 13.56 9.73
N GLU B 58 22.76 13.95 8.46
CA GLU B 58 23.87 13.89 7.49
C GLU B 58 25.06 14.72 7.91
N SER B 59 24.82 15.72 8.74
CA SER B 59 25.89 16.53 9.31
C SER B 59 26.49 15.93 10.59
N GLY B 60 25.99 14.79 11.05
CA GLY B 60 26.51 14.21 12.32
C GLY B 60 25.73 14.66 13.55
N PHE B 61 24.75 15.56 13.36
CA PHE B 61 23.97 16.04 14.51
C PHE B 61 23.05 14.92 15.01
N ARG B 62 23.02 14.74 16.33
CA ARG B 62 22.23 13.73 17.01
C ARG B 62 20.96 14.31 17.64
N TRP B 63 19.85 13.61 17.41
CA TRP B 63 18.52 14.08 17.74
C TRP B 63 17.84 13.03 18.65
N ILE B 64 17.06 13.49 19.63
CA ILE B 64 16.06 12.64 20.28
C ILE B 64 14.74 12.75 19.54
N ASP B 65 14.24 11.60 19.09
CA ASP B 65 13.07 11.55 18.19
C ASP B 65 11.74 11.47 18.95
N PHE B 66 10.94 12.53 18.83
CA PHE B 66 9.54 12.53 19.31
C PHE B 66 8.52 12.38 18.18
N ASP B 67 9.01 12.32 16.94
CA ASP B 67 8.16 12.18 15.75
C ASP B 67 7.94 10.67 15.51
N ASN B 68 9.02 9.92 15.38
CA ASN B 68 8.93 8.44 15.40
C ASN B 68 8.06 7.93 14.29
N ALA B 69 8.34 8.45 13.09
CA ALA B 69 7.52 8.15 11.91
C ALA B 69 6.04 8.33 12.27
N ARG B 70 5.77 9.53 12.77
CA ARG B 70 4.46 10.03 13.18
CA ARG B 70 4.39 9.95 13.00
C ARG B 70 3.72 9.02 14.03
N GLY B 71 4.47 8.41 14.94
CA GLY B 71 3.96 7.49 15.94
C GLY B 71 3.88 6.05 15.53
N SER B 72 4.44 5.70 14.38
CA SER B 72 4.48 4.31 13.96
C SER B 72 5.68 3.55 14.52
N ILE B 73 6.64 4.28 15.09
CA ILE B 73 7.78 3.63 15.77
C ILE B 73 7.44 3.56 17.24
N LEU B 74 6.64 2.58 17.63
CA LEU B 74 6.22 2.41 19.00
C LEU B 74 7.32 1.82 19.89
N LEU B 75 8.14 0.96 19.29
CA LEU B 75 9.14 0.21 20.08
C LEU B 75 10.47 0.92 20.13
N GLY B 76 10.88 1.55 19.05
CA GLY B 76 12.14 2.27 18.94
C GLY B 76 12.83 1.88 17.66
N HIS B 77 13.70 2.75 17.16
CA HIS B 77 14.33 2.53 15.86
C HIS B 77 15.29 1.35 15.93
N GLY B 78 15.24 0.49 14.94
CA GLY B 78 16.16 -0.66 14.92
C GLY B 78 15.92 -1.58 16.10
N ASP B 79 14.68 -1.74 16.53
CA ASP B 79 14.40 -2.65 17.64
C ASP B 79 15.05 -4.00 17.35
N PRO B 80 15.85 -4.52 18.31
CA PRO B 80 16.61 -5.72 17.94
C PRO B 80 15.79 -6.94 17.61
N VAL B 81 14.68 -7.18 18.31
CA VAL B 81 13.89 -8.37 18.10
C VAL B 81 13.19 -8.28 16.74
N VAL B 82 12.56 -7.14 16.45
CA VAL B 82 12.00 -6.92 15.13
C VAL B 82 13.04 -7.03 14.06
N ALA B 83 14.20 -6.41 14.25
CA ALA B 83 15.25 -6.45 13.25
C ALA B 83 15.74 -7.89 12.96
N GLU B 84 15.92 -8.68 14.02
CA GLU B 84 16.28 -10.12 13.85
C GLU B 84 15.23 -10.87 13.05
N ALA B 85 13.97 -10.61 13.35
CA ALA B 85 12.87 -11.27 12.67
C ALA B 85 12.89 -10.91 11.17
N VAL B 86 13.09 -9.64 10.87
CA VAL B 86 13.14 -9.20 9.49
C VAL B 86 14.32 -9.84 8.77
N ALA B 87 15.46 -9.89 9.44
CA ALA B 87 16.66 -10.53 8.88
C ALA B 87 16.40 -11.98 8.51
N ARG B 88 15.84 -12.76 9.41
CA ARG B 88 15.55 -14.18 9.19
C ARG B 88 14.62 -14.31 7.99
N ALA B 89 13.60 -13.46 7.95
CA ALA B 89 12.62 -13.50 6.88
C ALA B 89 13.20 -13.07 5.54
N ALA B 90 14.23 -12.22 5.55
CA ALA B 90 14.85 -11.84 4.29
C ALA B 90 15.61 -12.99 3.64
N THR B 91 16.01 -14.00 4.43
CA THR B 91 16.88 -15.07 3.90
C THR B 91 16.09 -16.14 3.17
N GLY B 92 14.77 -16.12 3.27
CA GLY B 92 13.93 -17.19 2.79
C GLY B 92 13.51 -18.26 3.79
N ALA B 93 14.13 -18.24 4.97
CA ALA B 93 13.90 -19.28 5.96
C ALA B 93 12.63 -19.13 6.78
N ASP B 94 11.96 -17.98 6.64
CA ASP B 94 10.69 -17.79 7.30
C ASP B 94 9.64 -17.32 6.34
N GLY B 95 9.18 -18.22 5.51
CA GLY B 95 8.13 -17.97 4.53
C GLY B 95 8.62 -17.44 3.19
N THR B 96 7.70 -17.49 2.24
CA THR B 96 7.95 -16.95 0.91
C THR B 96 6.80 -16.05 0.47
N ALA B 97 7.16 -15.06 -0.33
CA ALA B 97 6.21 -14.19 -0.98
C ALA B 97 5.25 -14.92 -1.90
N THR B 98 5.59 -16.15 -2.32
CA THR B 98 4.72 -16.88 -3.20
C THR B 98 3.40 -17.30 -2.55
N GLY B 99 3.34 -17.47 -1.23
CA GLY B 99 2.09 -17.90 -0.68
C GLY B 99 2.06 -17.94 0.84
N TRP B 100 1.01 -18.59 1.32
CA TRP B 100 0.63 -18.56 2.71
C TRP B 100 1.74 -19.06 3.64
N SER B 101 1.77 -18.47 4.84
CA SER B 101 2.69 -18.88 5.89
C SER B 101 1.99 -18.91 7.23
N ARG B 102 2.61 -19.57 8.21
CA ARG B 102 2.06 -19.58 9.56
C ARG B 102 2.05 -18.19 10.18
N ARG B 103 2.91 -17.30 9.71
CA ARG B 103 2.84 -15.92 10.22
C ARG B 103 1.58 -15.16 9.80
N VAL B 104 1.00 -15.53 8.66
CA VAL B 104 -0.30 -14.98 8.29
C VAL B 104 -1.35 -15.28 9.37
N ASP B 105 -1.44 -16.55 9.76
CA ASP B 105 -2.40 -16.92 10.78
C ASP B 105 -2.07 -16.23 12.09
N ALA B 106 -0.79 -16.17 12.44
CA ALA B 106 -0.42 -15.58 13.71
C ALA B 106 -0.84 -14.12 13.80
N VAL B 107 -0.63 -13.39 12.71
CA VAL B 107 -0.96 -11.95 12.68
C VAL B 107 -2.46 -11.74 12.72
N LEU B 108 -3.18 -12.49 11.91
CA LEU B 108 -4.65 -12.39 11.92
C LEU B 108 -5.25 -12.73 13.28
N GLU B 109 -4.75 -13.81 13.87
CA GLU B 109 -5.23 -14.25 15.20
C GLU B 109 -4.96 -13.18 16.24
N ARG B 110 -3.78 -12.59 16.20
CA ARG B 110 -3.40 -11.60 17.20
CA ARG B 110 -3.40 -11.60 17.21
C ARG B 110 -4.26 -10.35 17.06
N LEU B 111 -4.48 -9.91 15.81
CA LEU B 111 -5.32 -8.73 15.62
C LEU B 111 -6.74 -8.96 16.06
N HIS B 112 -7.24 -10.16 15.79
CA HIS B 112 -8.61 -10.50 16.12
C HIS B 112 -8.76 -10.56 17.65
N ALA B 113 -7.78 -11.14 18.33
CA ALA B 113 -7.76 -11.16 19.79
C ALA B 113 -7.68 -9.76 20.39
N LEU B 114 -6.83 -8.90 19.83
CA LEU B 114 -6.65 -7.57 20.41
C LEU B 114 -7.82 -6.61 20.15
N CYS B 115 -8.37 -6.66 18.95
CA CYS B 115 -9.30 -5.64 18.49
C CYS B 115 -10.73 -6.11 18.35
N GLY B 116 -10.94 -7.42 18.40
CA GLY B 116 -12.28 -7.94 18.21
C GLY B 116 -12.80 -7.90 16.80
N GLY B 117 -14.10 -8.15 16.68
CA GLY B 117 -14.78 -8.35 15.39
C GLY B 117 -14.75 -9.81 14.96
N GLU B 118 -15.33 -10.09 13.81
CA GLU B 118 -15.45 -11.44 13.28
C GLU B 118 -14.34 -11.75 12.30
N VAL B 119 -13.97 -10.77 11.47
CA VAL B 119 -12.96 -11.00 10.43
C VAL B 119 -11.92 -9.87 10.43
N VAL B 120 -10.81 -10.11 9.72
CA VAL B 120 -9.65 -9.23 9.67
C VAL B 120 -9.18 -9.20 8.21
N GLY B 121 -8.74 -8.04 7.73
CA GLY B 121 -8.03 -7.94 6.47
C GLY B 121 -6.77 -7.11 6.64
N LEU B 122 -5.77 -7.40 5.80
CA LEU B 122 -4.48 -6.72 5.85
C LEU B 122 -4.27 -5.89 4.59
N PHE B 123 -3.67 -4.71 4.74
CA PHE B 123 -3.44 -3.80 3.63
C PHE B 123 -2.04 -3.19 3.77
N ARG B 124 -1.69 -2.36 2.79
CA ARG B 124 -0.30 -1.86 2.66
C ARG B 124 -0.05 -0.43 3.13
N SER B 125 -1.10 0.29 3.50
CA SER B 125 -1.02 1.61 4.12
C SER B 125 -2.32 1.87 4.89
N GLY B 126 -2.29 2.84 5.80
CA GLY B 126 -3.50 3.30 6.43
C GLY B 126 -4.50 3.80 5.41
N THR B 127 -4.02 4.55 4.41
CA THR B 127 -4.86 5.05 3.34
C THR B 127 -5.62 3.94 2.65
N ALA B 128 -4.90 2.88 2.27
CA ALA B 128 -5.57 1.81 1.57
C ALA B 128 -6.62 1.13 2.43
N ALA B 129 -6.27 0.92 3.68
CA ALA B 129 -7.17 0.21 4.60
C ALA B 129 -8.46 0.96 4.86
N VAL B 130 -8.36 2.26 5.12
CA VAL B 130 -9.58 3.01 5.43
C VAL B 130 -10.46 3.11 4.19
N ARG B 131 -9.86 3.35 3.02
CA ARG B 131 -10.67 3.37 1.79
C ARG B 131 -11.40 2.04 1.59
N ALA B 132 -10.66 0.93 1.66
CA ALA B 132 -11.30 -0.36 1.45
C ALA B 132 -12.42 -0.57 2.48
N ALA B 133 -12.16 -0.27 3.75
CA ALA B 133 -13.15 -0.47 4.79
C ALA B 133 -14.42 0.29 4.50
N VAL B 134 -14.32 1.58 4.21
CA VAL B 134 -15.52 2.35 4.03
C VAL B 134 -16.27 1.99 2.76
N LEU B 135 -15.56 1.64 1.71
CA LEU B 135 -16.24 1.20 0.50
C LEU B 135 -16.96 -0.13 0.71
N ALA B 136 -16.37 -0.98 1.52
CA ALA B 136 -17.03 -2.27 1.83
C ALA B 136 -18.33 -1.98 2.58
N VAL B 137 -18.29 -1.05 3.54
CA VAL B 137 -19.50 -0.73 4.28
C VAL B 137 -20.55 -0.11 3.35
N ARG B 138 -20.15 0.77 2.45
CA ARG B 138 -21.08 1.40 1.50
C ARG B 138 -21.74 0.30 0.69
N GLU B 139 -20.95 -0.65 0.20
CA GLU B 139 -21.52 -1.75 -0.59
C GLU B 139 -22.48 -2.60 0.25
N ALA B 140 -22.05 -3.01 1.43
CA ALA B 140 -22.84 -3.89 2.27
C ALA B 140 -24.16 -3.24 2.69
N THR B 141 -24.17 -1.93 2.97
CA THR B 141 -25.37 -1.26 3.43
C THR B 141 -26.27 -0.78 2.30
N GLY B 142 -25.71 -0.58 1.11
CA GLY B 142 -26.43 -0.01 0.01
C GLY B 142 -26.74 1.46 0.19
N ARG B 143 -26.03 2.17 1.07
CA ARG B 143 -26.31 3.60 1.31
C ARG B 143 -25.15 4.48 0.81
N PRO B 144 -25.44 5.70 0.36
CA PRO B 144 -24.42 6.46 -0.40
C PRO B 144 -23.38 7.29 0.34
N LEU B 145 -23.74 7.85 1.50
CA LEU B 145 -22.89 8.87 2.10
C LEU B 145 -22.03 8.29 3.22
N LEU B 146 -20.84 8.87 3.33
CA LEU B 146 -19.96 8.67 4.46
C LEU B 146 -19.80 10.00 5.18
N LEU B 147 -20.08 10.00 6.48
CA LEU B 147 -19.94 11.18 7.27
C LEU B 147 -18.65 11.04 8.07
N SER B 148 -17.76 12.00 7.90
CA SER B 148 -16.36 11.82 8.30
C SER B 148 -15.87 12.90 9.26
N ALA B 149 -15.04 12.49 10.23
CA ALA B 149 -14.26 13.47 10.98
C ALA B 149 -12.83 12.96 11.08
N GLY B 150 -11.90 13.89 10.83
CA GLY B 150 -10.46 13.59 10.95
C GLY B 150 -9.85 13.19 9.65
N TYR B 151 -8.55 12.87 9.71
CA TYR B 151 -7.79 12.51 8.53
C TYR B 151 -7.84 10.99 8.33
N HIS B 152 -7.98 10.57 7.08
CA HIS B 152 -8.06 9.16 6.74
C HIS B 152 -7.05 8.70 5.69
N GLY B 153 -6.10 9.58 5.42
CA GLY B 153 -5.07 9.31 4.41
C GLY B 153 -5.16 10.14 3.17
N TYR B 154 -4.30 9.82 2.20
CA TYR B 154 -4.03 10.75 1.10
C TYR B 154 -4.99 10.64 -0.06
N ASP B 155 -5.84 9.60 -0.08
CA ASP B 155 -6.64 9.31 -1.26
C ASP B 155 -7.59 10.46 -1.62
N PRO B 156 -7.79 10.74 -2.91
CA PRO B 156 -8.70 11.82 -3.29
C PRO B 156 -10.14 11.69 -2.81
N MET B 157 -10.58 10.51 -2.41
CA MET B 157 -11.95 10.37 -1.94
C MET B 157 -12.19 11.23 -0.72
N TRP B 158 -11.11 11.66 -0.01
CA TRP B 158 -11.28 12.48 1.18
C TRP B 158 -11.06 13.99 0.96
N TYR B 159 -10.86 14.39 -0.28
CA TYR B 159 -10.56 15.80 -0.55
C TYR B 159 -11.77 16.64 -0.12
N PRO B 160 -11.54 17.89 0.23
CA PRO B 160 -12.68 18.69 0.72
C PRO B 160 -13.74 18.96 -0.33
N SER B 161 -14.99 19.02 0.13
CA SER B 161 -16.08 19.35 -0.77
CA SER B 161 -16.14 19.39 -0.68
C SER B 161 -15.98 20.82 -1.20
N GLU B 162 -16.64 21.11 -2.31
CA GLU B 162 -16.60 22.44 -2.88
C GLU B 162 -17.36 23.38 -1.96
N ALA B 163 -18.39 22.84 -1.34
CA ALA B 163 -19.21 23.55 -0.39
C ALA B 163 -19.10 22.83 0.94
N PRO B 164 -18.57 23.48 1.97
CA PRO B 164 -18.55 22.88 3.30
C PRO B 164 -19.86 22.25 3.72
N LEU B 165 -19.77 21.06 4.30
CA LEU B 165 -20.92 20.36 4.82
C LEU B 165 -21.87 19.81 3.76
N GLU B 166 -21.43 19.85 2.51
CA GLU B 166 -22.06 19.12 1.42
C GLU B 166 -21.17 17.95 0.99
N PRO B 167 -21.75 16.93 0.35
CA PRO B 167 -20.95 15.78 -0.10
C PRO B 167 -19.93 16.19 -1.14
N ASN B 168 -18.75 15.61 -1.04
CA ASN B 168 -17.79 15.74 -2.11
C ASN B 168 -18.15 14.80 -3.24
N ALA B 169 -17.26 14.74 -4.24
CA ALA B 169 -17.54 13.93 -5.41
C ALA B 169 -17.60 12.44 -5.14
N ASP B 170 -17.08 12.02 -3.98
CA ASP B 170 -17.09 10.63 -3.61
C ASP B 170 -18.10 10.34 -2.51
N GLY B 171 -19.04 11.26 -2.26
CA GLY B 171 -20.11 11.01 -1.30
C GLY B 171 -19.66 11.14 0.15
N VAL B 172 -18.59 11.90 0.42
CA VAL B 172 -18.10 12.09 1.79
C VAL B 172 -18.50 13.49 2.28
N VAL B 173 -19.04 13.58 3.50
CA VAL B 173 -19.32 14.87 4.11
C VAL B 173 -18.51 14.94 5.41
N ASP B 174 -17.61 15.90 5.50
CA ASP B 174 -16.82 16.13 6.71
C ASP B 174 -17.62 16.98 7.72
N PHE B 175 -17.77 16.49 8.94
CA PHE B 175 -18.45 17.21 9.98
C PHE B 175 -17.55 17.78 11.05
N PHE B 176 -16.24 17.63 10.89
CA PHE B 176 -15.26 18.39 11.70
C PHE B 176 -15.34 18.12 13.21
N PHE B 177 -15.82 16.94 13.62
CA PHE B 177 -16.01 16.52 15.02
C PHE B 177 -17.09 17.31 15.73
N ASP B 178 -17.89 18.09 15.00
CA ASP B 178 -18.96 18.85 15.67
C ASP B 178 -20.23 17.96 15.68
N LEU B 179 -20.68 17.56 16.87
CA LEU B 179 -21.84 16.68 16.97
C LEU B 179 -23.15 17.35 16.59
N GLY B 180 -23.23 18.67 16.72
CA GLY B 180 -24.40 19.41 16.22
C GLY B 180 -24.54 19.28 14.72
N LEU B 181 -23.43 19.40 14.02
CA LEU B 181 -23.46 19.22 12.58
C LEU B 181 -23.78 17.78 12.23
N LEU B 182 -23.23 16.85 12.98
CA LEU B 182 -23.48 15.45 12.77
C LEU B 182 -24.98 15.16 12.90
N ARG B 183 -25.60 15.67 13.96
CA ARG B 183 -27.06 15.48 14.12
C ARG B 183 -27.82 15.88 12.87
N GLU B 184 -27.48 17.00 12.27
CA GLU B 184 -28.13 17.48 11.05
C GLU B 184 -27.89 16.53 9.90
N LEU B 185 -26.67 15.99 9.84
CA LEU B 185 -26.32 15.09 8.75
C LEU B 185 -26.93 13.70 8.90
N LEU B 186 -27.47 13.38 10.08
CA LEU B 186 -28.08 12.09 10.37
C LEU B 186 -29.59 12.10 10.24
N ARG B 187 -30.12 13.22 9.79
CA ARG B 187 -31.56 13.45 9.82
C ARG B 187 -32.29 12.52 8.87
N ALA B 188 -31.64 12.11 7.77
CA ALA B 188 -32.15 11.09 6.86
C ALA B 188 -31.17 9.91 6.85
N PRO B 189 -31.30 8.99 7.81
CA PRO B 189 -30.22 8.02 8.02
C PRO B 189 -30.10 7.01 6.89
N GLU B 190 -31.14 6.88 6.09
CA GLU B 190 -31.09 5.97 4.95
C GLU B 190 -30.01 6.39 3.96
N ARG B 191 -29.58 7.64 4.02
CA ARG B 191 -28.57 8.19 3.09
C ARG B 191 -27.16 7.82 3.57
N VAL B 192 -27.02 7.33 4.79
CA VAL B 192 -25.69 7.33 5.45
C VAL B 192 -25.23 5.89 5.65
N ALA B 193 -24.20 5.50 4.92
CA ALA B 193 -23.57 4.20 5.07
C ALA B 193 -22.83 4.07 6.39
N ALA B 194 -22.10 5.11 6.74
CA ALA B 194 -21.27 5.04 7.93
C ALA B 194 -20.87 6.42 8.37
N VAL B 195 -20.54 6.51 9.66
CA VAL B 195 -19.80 7.59 10.23
C VAL B 195 -18.39 7.04 10.48
N VAL B 196 -17.40 7.78 9.98
CA VAL B 196 -16.01 7.33 10.06
CA VAL B 196 -15.99 7.37 9.98
C VAL B 196 -15.18 8.43 10.73
N VAL B 197 -14.60 8.03 11.87
CA VAL B 197 -14.00 8.99 12.78
CA VAL B 197 -14.00 8.99 12.78
CA VAL B 197 -13.99 9.01 12.78
C VAL B 197 -12.59 8.58 13.18
N SER B 198 -11.67 9.54 13.07
CA SER B 198 -10.29 9.33 13.54
C SER B 198 -10.14 9.95 14.93
N PRO B 199 -10.00 9.10 15.96
CA PRO B 199 -10.00 9.67 17.32
C PRO B 199 -8.83 10.60 17.60
N ASP B 200 -9.08 11.54 18.50
CA ASP B 200 -8.01 12.34 19.11
C ASP B 200 -8.33 12.38 20.60
N HIS B 201 -7.42 11.87 21.41
CA HIS B 201 -7.63 11.79 22.85
C HIS B 201 -7.01 12.92 23.63
N MET B 202 -6.44 13.88 22.89
CA MET B 202 -5.97 15.13 23.50
C MET B 202 -7.11 16.17 23.53
N HIS B 203 -7.97 16.17 22.51
CA HIS B 203 -8.90 17.27 22.29
C HIS B 203 -10.36 16.87 22.38
N LEU B 204 -10.67 15.58 22.54
CA LEU B 204 -12.05 15.12 22.67
C LEU B 204 -12.13 14.30 23.94
N SER B 205 -13.19 14.52 24.72
CA SER B 205 -13.37 13.80 25.99
C SER B 205 -14.04 12.46 25.79
N PRO B 206 -13.94 11.57 26.77
CA PRO B 206 -14.73 10.34 26.74
C PRO B 206 -16.21 10.58 26.48
N GLY B 207 -16.81 11.59 27.07
CA GLY B 207 -18.22 11.87 26.84
C GLY B 207 -18.56 12.20 25.40
N TRP B 208 -17.63 12.86 24.72
CA TRP B 208 -17.81 13.14 23.29
C TRP B 208 -17.96 11.82 22.54
N TYR B 209 -17.08 10.87 22.81
CA TYR B 209 -17.18 9.59 22.12
C TYR B 209 -18.52 8.89 22.43
N ARG B 210 -18.92 8.90 23.70
CA ARG B 210 -20.13 8.18 24.06
C ARG B 210 -21.35 8.80 23.37
N GLU B 211 -21.37 10.11 23.25
CA GLU B 211 -22.44 10.78 22.54
C GLU B 211 -22.39 10.40 21.07
N LEU B 212 -21.19 10.36 20.47
CA LEU B 212 -21.08 9.93 19.05
C LEU B 212 -21.68 8.55 18.87
N ARG B 213 -21.32 7.63 19.76
CA ARG B 213 -21.84 6.26 19.71
C ARG B 213 -23.38 6.24 19.86
N ARG B 214 -23.90 6.99 20.81
CA ARG B 214 -25.35 7.12 21.01
C ARG B 214 -26.07 7.60 19.77
N LEU B 215 -25.54 8.62 19.11
CA LEU B 215 -26.15 9.21 17.93
C LEU B 215 -26.14 8.20 16.80
N CYS B 216 -25.02 7.50 16.64
CA CYS B 216 -24.97 6.55 15.53
C CYS B 216 -25.93 5.38 15.79
N SER B 217 -25.99 4.87 17.01
CA SER B 217 -26.94 3.78 17.33
C SER B 217 -28.39 4.22 17.12
N ALA B 218 -28.73 5.42 17.56
CA ALA B 218 -30.12 5.92 17.38
C ALA B 218 -30.51 6.01 15.92
N ALA B 219 -29.56 6.41 15.07
CA ALA B 219 -29.80 6.55 13.66
C ALA B 219 -29.71 5.22 12.89
N GLY B 220 -29.20 4.19 13.54
CA GLY B 220 -29.03 2.87 12.92
C GLY B 220 -27.94 2.86 11.88
N VAL B 221 -26.92 3.70 12.07
CA VAL B 221 -25.83 3.83 11.09
C VAL B 221 -24.57 3.16 11.62
N VAL B 222 -23.79 2.61 10.71
CA VAL B 222 -22.52 1.94 11.04
C VAL B 222 -21.48 2.96 11.49
N LEU B 223 -20.69 2.56 12.49
CA LEU B 223 -19.62 3.39 13.03
C LEU B 223 -18.29 2.71 12.74
N VAL B 224 -17.44 3.44 12.02
CA VAL B 224 -16.10 3.01 11.66
C VAL B 224 -15.11 3.84 12.49
N ALA B 225 -14.30 3.17 13.32
CA ALA B 225 -13.23 3.87 14.03
C ALA B 225 -11.94 3.71 13.26
N ASP B 226 -11.48 4.85 12.72
CA ASP B 226 -10.19 4.88 12.03
C ASP B 226 -9.12 5.09 13.07
N GLU B 227 -8.67 3.97 13.61
CA GLU B 227 -7.61 3.93 14.60
C GLU B 227 -6.22 3.68 14.00
N VAL B 228 -6.02 4.12 12.77
CA VAL B 228 -4.68 4.05 12.16
C VAL B 228 -3.59 4.61 13.09
N LYS B 229 -3.85 5.77 13.70
CA LYS B 229 -2.87 6.39 14.59
C LYS B 229 -2.97 5.86 16.01
N VAL B 230 -4.18 5.82 16.56
CA VAL B 230 -4.32 5.56 17.99
C VAL B 230 -4.45 4.07 18.36
N GLY B 231 -4.73 3.21 17.38
CA GLY B 231 -4.98 1.80 17.68
C GLY B 231 -3.72 1.15 18.23
N LEU B 232 -3.86 0.36 19.29
CA LEU B 232 -2.77 -0.44 19.85
C LEU B 232 -1.76 0.39 20.67
N ARG B 233 -2.00 1.69 20.80
CA ARG B 233 -1.01 2.58 21.42
C ARG B 233 -1.41 2.98 22.82
N TYR B 234 -2.70 3.16 23.09
CA TYR B 234 -3.21 3.56 24.41
C TYR B 234 -3.47 2.33 25.28
N ALA B 235 -3.45 1.16 24.67
CA ALA B 235 -3.84 -0.12 25.31
C ALA B 235 -3.45 -1.19 24.31
N PRO B 236 -3.47 -2.47 24.68
CA PRO B 236 -3.23 -3.53 23.71
C PRO B 236 -4.09 -3.49 22.45
N GLY B 237 -5.29 -2.92 22.56
CA GLY B 237 -6.32 -2.98 21.54
C GLY B 237 -6.76 -1.60 21.06
N LEU B 238 -8.01 -1.46 20.73
CA LEU B 238 -8.57 -0.20 20.27
C LEU B 238 -8.73 0.80 21.41
N SER B 239 -8.32 2.03 21.19
CA SER B 239 -8.55 3.09 22.15
C SER B 239 -10.00 3.35 22.44
N THR B 240 -10.86 3.07 21.47
CA THR B 240 -12.27 3.33 21.59
C THR B 240 -13.09 2.05 21.71
N ALA B 241 -12.47 0.93 22.06
CA ALA B 241 -13.20 -0.36 22.18
C ALA B 241 -14.47 -0.22 23.01
N GLU B 242 -14.34 0.43 24.14
CA GLU B 242 -15.48 0.60 25.04
C GLU B 242 -16.24 1.89 24.74
N LEU B 243 -15.52 2.98 24.41
CA LEU B 243 -16.17 4.27 24.23
C LEU B 243 -17.06 4.28 23.00
N LEU B 244 -16.61 3.64 21.92
CA LEU B 244 -17.37 3.59 20.68
C LEU B 244 -17.94 2.22 20.30
N ALA B 245 -17.30 1.14 20.74
CA ALA B 245 -17.70 -0.22 20.30
C ALA B 245 -17.99 -0.24 18.79
N PRO B 246 -16.99 0.17 18.02
CA PRO B 246 -17.24 0.38 16.61
C PRO B 246 -17.59 -0.90 15.88
N ASP B 247 -18.37 -0.75 14.80
CA ASP B 247 -18.72 -1.91 14.01
C ASP B 247 -17.54 -2.39 13.16
N VAL B 248 -16.73 -1.44 12.69
CA VAL B 248 -15.52 -1.74 11.93
C VAL B 248 -14.39 -0.87 12.49
N TRP B 249 -13.21 -1.48 12.59
CA TRP B 249 -12.03 -0.79 13.02
C TRP B 249 -10.94 -0.84 11.96
N VAL B 250 -10.01 0.10 12.04
CA VAL B 250 -8.79 0.13 11.22
C VAL B 250 -7.62 0.47 12.16
N VAL B 251 -6.53 -0.28 12.07
CA VAL B 251 -5.30 0.08 12.78
C VAL B 251 -4.12 0.00 11.81
N ALA B 252 -2.99 0.58 12.23
CA ALA B 252 -1.77 0.49 11.40
C ALA B 252 -0.48 0.87 12.11
N LYS B 253 -0.43 2.09 12.63
CA LYS B 253 0.83 2.59 13.15
CA LYS B 253 0.82 2.60 13.15
C LYS B 253 1.34 1.75 14.32
N GLY B 254 0.44 1.12 15.07
CA GLY B 254 0.87 0.35 16.24
C GLY B 254 1.30 -1.08 15.95
N MET B 255 1.12 -1.58 14.73
CA MET B 255 1.17 -3.02 14.52
C MET B 255 2.50 -3.62 14.05
N ALA B 256 3.49 -2.82 13.62
CA ALA B 256 4.65 -3.40 12.95
C ALA B 256 5.94 -2.60 13.13
N ASN B 257 6.01 -1.76 14.15
CA ASN B 257 7.16 -0.90 14.35
C ASN B 257 7.62 -0.17 13.11
N GLY B 258 6.66 0.31 12.34
CA GLY B 258 6.96 1.17 11.20
C GLY B 258 6.84 0.47 9.86
N HIS B 259 6.80 -0.87 9.84
CA HIS B 259 6.77 -1.62 8.61
C HIS B 259 5.44 -1.47 7.90
N ALA B 260 5.42 -1.76 6.60
CA ALA B 260 4.37 -1.30 5.70
C ALA B 260 3.14 -2.22 5.71
N VAL B 261 2.35 -2.13 6.78
CA VAL B 261 1.13 -2.92 6.91
C VAL B 261 0.09 -2.18 7.75
N SER B 262 -1.17 -2.45 7.46
CA SER B 262 -2.33 -1.92 8.15
C SER B 262 -3.37 -3.05 8.19
N ALA B 263 -4.41 -2.83 8.98
CA ALA B 263 -5.47 -3.84 9.12
C ALA B 263 -6.82 -3.27 9.38
N VAL B 264 -7.86 -4.02 8.95
CA VAL B 264 -9.25 -3.68 9.14
C VAL B 264 -9.93 -4.89 9.75
N GLY B 265 -10.88 -4.67 10.64
CA GLY B 265 -11.70 -5.79 11.08
C GLY B 265 -13.06 -5.34 11.54
N GLY B 266 -13.89 -6.33 11.87
CA GLY B 266 -15.29 -6.02 12.13
C GLY B 266 -16.18 -7.15 11.63
N SER B 267 -17.44 -6.83 11.37
CA SER B 267 -18.35 -7.90 11.07
C SER B 267 -18.14 -8.50 9.72
N ARG B 268 -18.40 -9.80 9.67
CA ARG B 268 -18.39 -10.55 8.46
C ARG B 268 -19.32 -9.91 7.42
N ARG B 269 -20.50 -9.50 7.87
CA ARG B 269 -21.46 -8.95 6.95
C ARG B 269 -21.00 -7.62 6.37
N LEU B 270 -20.52 -6.71 7.21
CA LEU B 270 -20.15 -5.41 6.70
C LEU B 270 -18.89 -5.42 5.85
N LEU B 271 -18.05 -6.39 6.11
CA LEU B 271 -16.77 -6.52 5.41
C LEU B 271 -16.73 -7.61 4.34
N LYS B 272 -17.89 -8.21 4.06
CA LYS B 272 -17.97 -9.20 2.99
C LYS B 272 -17.36 -8.70 1.64
N PRO B 273 -17.56 -7.43 1.29
CA PRO B 273 -16.96 -6.96 0.05
C PRO B 273 -15.44 -6.99 -0.03
N LEU B 274 -14.76 -7.10 1.10
CA LEU B 274 -13.32 -7.24 1.07
C LEU B 274 -12.87 -8.57 0.47
N LYS B 275 -13.78 -9.49 0.20
CA LYS B 275 -13.38 -10.73 -0.49
C LYS B 275 -12.79 -10.43 -1.86
N GLU B 276 -13.09 -9.26 -2.42
CA GLU B 276 -12.50 -8.84 -3.70
C GLU B 276 -11.06 -8.33 -3.60
N VAL B 277 -10.52 -8.23 -2.39
CA VAL B 277 -9.20 -7.64 -2.24
C VAL B 277 -8.15 -8.74 -2.38
N SER B 278 -7.14 -8.47 -3.21
CA SER B 278 -5.93 -9.25 -3.31
C SER B 278 -4.87 -8.31 -3.85
N PHE B 279 -3.64 -8.46 -3.40
CA PHE B 279 -2.50 -7.73 -3.94
C PHE B 279 -1.25 -8.60 -3.89
N THR B 280 -0.37 -8.28 -4.80
CA THR B 280 0.78 -9.14 -5.16
C THR B 280 1.70 -9.38 -3.98
N SER B 281 1.99 -8.36 -3.18
CA SER B 281 2.95 -8.47 -2.07
C SER B 281 2.35 -8.99 -0.78
N PHE B 282 1.12 -9.52 -0.84
CA PHE B 282 0.40 -9.94 0.36
C PHE B 282 1.21 -10.80 1.33
N PHE B 283 2.00 -11.70 0.76
CA PHE B 283 2.74 -12.67 1.57
C PHE B 283 4.19 -12.30 1.81
N GLU B 284 4.57 -11.06 1.51
CA GLU B 284 5.96 -10.65 1.68
C GLU B 284 6.40 -10.95 3.11
N PRO B 285 7.48 -11.73 3.28
CA PRO B 285 7.70 -12.31 4.59
C PRO B 285 8.32 -11.36 5.61
N THR B 286 9.07 -10.35 5.19
CA THR B 286 9.67 -9.46 6.19
C THR B 286 8.60 -8.64 6.91
N ILE B 287 7.55 -8.19 6.20
CA ILE B 287 6.53 -7.40 6.86
C ILE B 287 5.73 -8.30 7.82
N LEU B 288 5.42 -9.52 7.40
CA LEU B 288 4.72 -10.47 8.30
C LEU B 288 5.54 -10.74 9.56
N ALA B 289 6.85 -10.91 9.39
CA ALA B 289 7.69 -11.21 10.55
C ALA B 289 7.70 -10.00 11.47
N ALA B 290 7.80 -8.79 10.91
CA ALA B 290 7.82 -7.62 11.74
C ALA B 290 6.52 -7.42 12.51
N ALA B 291 5.42 -7.61 11.82
CA ALA B 291 4.10 -7.51 12.44
C ALA B 291 3.88 -8.53 13.55
N ASP B 292 4.23 -9.78 13.28
CA ASP B 292 4.08 -10.83 14.32
C ASP B 292 4.92 -10.48 15.54
N ALA B 293 6.16 -10.05 15.32
CA ALA B 293 7.02 -9.67 16.45
C ALA B 293 6.49 -8.48 17.23
N ALA B 294 6.13 -7.42 16.52
CA ALA B 294 5.67 -6.22 17.16
C ALA B 294 4.35 -6.45 17.89
N LEU B 295 3.45 -7.18 17.24
CA LEU B 295 2.16 -7.48 17.86
C LEU B 295 2.29 -8.33 19.11
N ALA B 296 3.25 -9.25 19.13
CA ALA B 296 3.46 -10.01 20.38
C ALA B 296 3.81 -9.09 21.54
N ARG B 297 4.62 -8.07 21.28
CA ARG B 297 5.01 -7.11 22.30
CA ARG B 297 4.99 -7.12 22.32
C ARG B 297 3.85 -6.18 22.68
N VAL B 298 3.15 -5.68 21.67
CA VAL B 298 1.92 -4.91 21.87
C VAL B 298 0.91 -5.61 22.77
N ALA B 299 0.71 -6.92 22.56
CA ALA B 299 -0.30 -7.66 23.29
C ALA B 299 -0.06 -7.62 24.78
N THR B 300 1.20 -7.51 25.19
CA THR B 300 1.51 -7.50 26.63
C THR B 300 1.07 -6.25 27.36
N GLY B 301 0.85 -5.16 26.62
CA GLY B 301 0.61 -3.87 27.25
C GLY B 301 1.83 -3.12 27.72
N GLU B 302 3.00 -3.72 27.63
CA GLU B 302 4.21 -3.12 28.21
C GLU B 302 4.71 -1.90 27.42
N PRO B 303 4.76 -1.99 26.08
CA PRO B 303 5.27 -0.78 25.42
C PRO B 303 4.37 0.42 25.61
N GLN B 304 3.06 0.20 25.64
CA GLN B 304 2.11 1.30 25.81
C GLN B 304 2.29 1.92 27.19
N ARG B 305 2.47 1.08 28.21
CA ARG B 305 2.72 1.58 29.55
CA ARG B 305 2.72 1.61 29.55
C ARG B 305 4.03 2.39 29.62
N ALA B 306 5.05 1.90 28.94
CA ALA B 306 6.39 2.51 28.97
C ALA B 306 6.33 3.89 28.32
N VAL B 307 5.61 3.94 27.21
CA VAL B 307 5.43 5.21 26.50
C VAL B 307 4.66 6.21 27.33
N ARG B 308 3.54 5.79 27.90
CA ARG B 308 2.76 6.70 28.71
C ARG B 308 3.60 7.25 29.87
N GLU B 309 4.33 6.36 30.53
CA GLU B 309 5.05 6.78 31.75
C GLU B 309 6.21 7.72 31.39
N ALA B 310 6.92 7.40 30.32
CA ALA B 310 8.02 8.22 29.87
C ALA B 310 7.51 9.57 29.41
N GLY B 311 6.48 9.54 28.58
CA GLY B 311 5.90 10.76 28.09
C GLY B 311 5.36 11.65 29.19
N ASP B 312 4.74 11.05 30.20
CA ASP B 312 4.22 11.82 31.31
C ASP B 312 5.33 12.47 32.12
N ARG B 313 6.44 11.76 32.28
CA ARG B 313 7.58 12.34 32.98
C ARG B 313 8.12 13.55 32.22
N PHE B 314 8.30 13.37 30.91
CA PHE B 314 8.78 14.49 30.10
C PHE B 314 7.84 15.68 30.19
N LEU B 315 6.53 15.41 30.17
CA LEU B 315 5.53 16.48 30.25
C LEU B 315 5.55 17.24 31.55
N ARG B 316 5.70 16.52 32.67
CA ARG B 316 5.70 17.22 33.95
C ARG B 316 6.87 18.20 33.93
N HIS B 317 8.03 17.69 33.48
CA HIS B 317 9.23 18.53 33.39
C HIS B 317 9.01 19.72 32.45
N ALA B 318 8.48 19.46 31.26
CA ALA B 318 8.28 20.52 30.29
C ALA B 318 7.30 21.58 30.75
N ARG B 319 6.16 21.17 31.34
CA ARG B 319 5.20 22.11 31.86
C ARG B 319 5.82 23.01 32.92
N LYS B 320 6.63 22.43 33.80
CA LYS B 320 7.30 23.20 34.83
C LYS B 320 8.32 24.16 34.24
N ALA B 321 9.10 23.67 33.28
CA ALA B 321 10.06 24.55 32.60
C ALA B 321 9.37 25.72 31.91
N LEU B 322 8.26 25.51 31.18
CA LEU B 322 7.55 26.59 30.53
C LEU B 322 6.99 27.57 31.55
N ASP B 323 6.45 27.04 32.64
CA ASP B 323 5.91 27.91 33.68
C ASP B 323 6.98 28.75 34.36
N ASP B 324 8.11 28.13 34.68
CA ASP B 324 9.23 28.81 35.34
C ASP B 324 9.75 29.96 34.48
N ALA B 325 9.68 29.79 33.16
CA ALA B 325 10.21 30.75 32.19
C ALA B 325 9.12 31.77 31.79
N SER B 326 7.93 31.64 32.38
CA SER B 326 6.76 32.49 32.08
C SER B 326 6.41 32.49 30.61
N LEU B 327 6.51 31.31 29.99
CA LEU B 327 6.24 31.20 28.56
C LEU B 327 4.81 30.76 28.30
N PRO B 328 4.10 31.48 27.41
CA PRO B 328 2.68 31.17 27.21
C PRO B 328 2.48 30.05 26.19
N VAL B 329 2.76 28.84 26.67
CA VAL B 329 2.66 27.59 25.91
C VAL B 329 2.00 26.56 26.83
N GLU B 330 0.81 26.10 26.46
CA GLU B 330 0.14 25.00 27.15
C GLU B 330 0.55 23.72 26.45
N ILE B 331 0.31 22.59 27.10
CA ILE B 331 0.55 21.31 26.47
C ILE B 331 -0.74 20.48 26.62
N ALA B 332 -1.33 20.14 25.48
CA ALA B 332 -2.50 19.27 25.45
C ALA B 332 -2.05 17.81 25.42
N GLY B 333 -2.92 16.93 25.92
CA GLY B 333 -2.67 15.51 25.81
C GLY B 333 -1.94 14.92 27.01
N ASP B 334 -1.21 13.86 26.76
CA ASP B 334 -0.56 13.10 27.82
C ASP B 334 0.62 12.34 27.24
N GLY B 335 1.21 11.44 28.03
CA GLY B 335 2.43 10.83 27.59
C GLY B 335 2.34 10.01 26.33
N THR B 336 1.18 9.46 26.03
CA THR B 336 0.98 8.66 24.82
C THR B 336 1.05 9.56 23.55
N PHE B 337 0.40 10.73 23.61
CA PHE B 337 0.50 11.73 22.55
C PHE B 337 0.20 13.06 23.22
N PHE B 338 1.11 14.02 23.03
CA PHE B 338 0.93 15.39 23.49
C PHE B 338 1.21 16.43 22.42
N GLN B 339 0.74 17.64 22.66
CA GLN B 339 0.90 18.69 21.65
C GLN B 339 1.13 20.02 22.33
N PHE B 340 2.16 20.73 21.90
CA PHE B 340 2.41 22.08 22.40
C PHE B 340 1.37 23.04 21.78
N VAL B 341 0.83 23.94 22.60
CA VAL B 341 -0.18 24.92 22.19
C VAL B 341 0.32 26.32 22.57
N PRO B 342 1.10 26.92 21.67
CA PRO B 342 1.65 28.25 21.95
C PRO B 342 0.65 29.33 21.70
N ALA B 343 0.82 30.44 22.39
CA ALA B 343 -0.15 31.52 22.30
C ALA B 343 -0.17 32.21 20.95
N THR B 344 0.95 32.20 20.25
CA THR B 344 1.07 32.83 18.93
C THR B 344 1.80 31.93 17.97
N GLU B 345 1.54 32.15 16.70
CA GLU B 345 2.25 31.46 15.65
C GLU B 345 3.74 31.77 15.68
N GLU B 346 4.10 33.01 15.98
CA GLU B 346 5.51 33.35 16.06
C GLU B 346 6.21 32.54 17.15
N LEU B 347 5.57 32.43 18.31
CA LEU B 347 6.12 31.65 19.40
C LEU B 347 6.20 30.17 19.01
N GLU B 348 5.19 29.67 18.33
CA GLU B 348 5.24 28.29 17.85
C GLU B 348 6.48 28.03 16.99
N GLU B 349 6.73 28.94 16.04
CA GLU B 349 7.88 28.79 15.16
C GLU B 349 9.18 28.87 15.95
N ALA B 350 9.24 29.78 16.91
CA ALA B 350 10.42 29.91 17.77
C ALA B 350 10.67 28.66 18.63
N LEU B 351 9.58 28.07 19.11
CA LEU B 351 9.68 26.86 19.90
C LEU B 351 10.33 25.72 19.12
N TYR B 352 9.86 25.49 17.89
CA TYR B 352 10.42 24.43 17.10
C TYR B 352 11.84 24.78 16.62
N GLY B 353 12.09 26.06 16.36
CA GLY B 353 13.47 26.49 16.07
C GLY B 353 14.44 26.20 17.20
N ALA B 354 14.02 26.51 18.41
CA ALA B 354 14.86 26.24 19.59
C ALA B 354 15.06 24.75 19.81
N ALA B 355 13.97 23.99 19.65
CA ALA B 355 14.05 22.53 19.74
C ALA B 355 15.03 21.96 18.73
N ASN B 356 14.94 22.43 17.49
CA ASN B 356 15.88 21.99 16.48
C ASN B 356 17.34 22.29 16.88
N ALA B 357 17.54 23.51 17.41
CA ALA B 357 18.90 23.88 17.85
C ALA B 357 19.44 22.97 18.94
N GLU B 358 18.54 22.45 19.79
CA GLU B 358 18.90 21.57 20.89
C GLU B 358 18.81 20.08 20.56
N GLY B 359 18.50 19.74 19.31
CA GLY B 359 18.39 18.32 18.96
C GLY B 359 17.21 17.56 19.53
N LEU B 360 16.10 18.24 19.76
CA LEU B 360 14.83 17.58 20.11
C LEU B 360 14.01 17.64 18.86
N LEU B 361 13.80 16.47 18.25
CA LEU B 361 13.01 16.42 17.02
C LEU B 361 11.53 16.24 17.34
N PHE B 362 10.76 17.33 17.23
CA PHE B 362 9.32 17.25 17.42
C PHE B 362 8.67 17.19 16.05
N TYR B 363 7.48 16.58 16.01
CA TYR B 363 6.68 16.58 14.81
C TYR B 363 6.01 17.96 14.81
N ALA B 364 6.50 18.86 13.97
CA ALA B 364 6.21 20.28 14.13
C ALA B 364 4.69 20.58 14.02
N GLY B 365 4.16 21.19 15.06
CA GLY B 365 2.77 21.65 15.13
C GLY B 365 1.76 20.58 15.51
N ASP B 366 2.21 19.34 15.55
CA ASP B 366 1.31 18.16 15.61
C ASP B 366 1.54 17.44 16.95
N ASN B 367 1.29 16.14 17.02
CA ASN B 367 1.47 15.42 18.26
C ASN B 367 2.83 14.72 18.37
N GLN B 368 3.35 14.72 19.59
CA GLN B 368 4.64 14.12 19.94
C GLN B 368 4.37 12.75 20.56
N GLY B 369 5.00 11.71 20.00
CA GLY B 369 4.77 10.34 20.39
C GLY B 369 6.07 9.64 20.67
N VAL B 370 6.45 9.64 21.94
CA VAL B 370 7.68 8.94 22.34
C VAL B 370 7.53 7.45 22.10
N SER B 371 8.66 6.75 22.06
CA SER B 371 8.66 5.30 21.93
C SER B 371 9.08 4.62 23.23
N ALA B 372 9.01 3.30 23.22
CA ALA B 372 9.34 2.50 24.38
C ALA B 372 10.86 2.48 24.60
N ALA B 373 11.63 3.00 23.66
CA ALA B 373 13.10 3.19 23.81
C ALA B 373 13.47 4.44 24.61
N PHE B 374 12.49 5.19 25.06
CA PHE B 374 12.76 6.33 25.95
C PHE B 374 13.05 5.87 27.36
N ASP B 375 14.31 5.51 27.56
CA ASP B 375 14.76 5.01 28.85
C ASP B 375 15.19 6.19 29.73
N GLU B 376 15.71 5.87 30.90
CA GLU B 376 16.13 6.92 31.82
C GLU B 376 17.16 7.88 31.25
N ALA B 377 18.14 7.37 30.54
CA ALA B 377 19.21 8.19 29.99
C ALA B 377 18.63 9.14 28.94
N VAL B 378 17.74 8.62 28.10
CA VAL B 378 17.12 9.45 27.06
C VAL B 378 16.29 10.55 27.72
N LEU B 379 15.46 10.18 28.69
CA LEU B 379 14.63 11.13 29.38
C LEU B 379 15.42 12.24 30.07
N GLY B 380 16.50 11.90 30.78
CA GLY B 380 17.30 12.91 31.43
C GLY B 380 17.86 13.89 30.41
N GLU B 381 18.31 13.39 29.28
CA GLU B 381 18.87 14.27 28.27
C GLU B 381 17.79 15.10 27.57
N ALA B 382 16.61 14.50 27.35
CA ALA B 382 15.51 15.26 26.76
C ALA B 382 15.10 16.41 27.67
N GLU B 383 15.08 16.14 28.98
CA GLU B 383 14.77 17.16 29.97
C GLU B 383 15.76 18.33 29.94
N ARG B 384 17.05 18.01 29.91
CA ARG B 384 18.06 19.06 29.90
C ARG B 384 17.97 19.88 28.62
N ARG B 385 17.76 19.17 27.51
CA ARG B 385 17.59 19.83 26.22
C ARG B 385 16.38 20.75 26.23
N PHE B 386 15.27 20.29 26.79
CA PHE B 386 14.11 21.13 26.82
C PHE B 386 14.27 22.37 27.72
N ALA B 387 15.00 22.22 28.83
CA ALA B 387 15.33 23.37 29.66
C ALA B 387 16.13 24.39 28.84
N ARG B 388 17.07 23.90 28.01
CA ARG B 388 17.82 24.80 27.11
C ARG B 388 16.89 25.44 26.07
N VAL B 389 15.90 24.72 25.57
CA VAL B 389 14.87 25.33 24.72
C VAL B 389 14.18 26.49 25.38
N CYS B 390 13.80 26.32 26.63
CA CYS B 390 13.12 27.38 27.32
C CYS B 390 14.02 28.59 27.55
N GLU B 391 15.31 28.35 27.73
CA GLU B 391 16.29 29.47 27.80
C GLU B 391 16.29 30.25 26.49
N ARG B 392 16.30 29.55 25.36
CA ARG B 392 16.34 30.19 24.06
C ARG B 392 15.08 31.01 23.80
N LEU B 393 13.97 30.59 24.41
CA LEU B 393 12.72 31.28 24.29
C LEU B 393 12.49 32.48 25.21
N ALA B 394 13.54 32.88 25.94
CA ALA B 394 13.42 33.98 26.88
C ALA B 394 12.77 35.25 26.31
N PRO B 395 12.99 35.60 25.03
CA PRO B 395 12.34 36.83 24.53
C PRO B 395 10.83 36.82 24.70
N TYR B 396 10.23 35.63 24.77
CA TYR B 396 8.76 35.54 24.79
C TYR B 396 8.20 35.46 26.21
N ALA B 397 9.08 35.51 27.22
CA ALA B 397 8.67 35.55 28.61
C ALA B 397 7.66 36.65 28.88
N GLY B 398 6.58 36.29 29.59
CA GLY B 398 5.58 37.26 30.02
C GLY B 398 4.55 37.62 28.98
N GLY B 399 4.54 36.93 27.85
CA GLY B 399 3.54 37.22 26.84
C GLY B 399 2.13 36.90 27.32
N GLU B 400 1.15 37.43 26.60
CA GLU B 400 -0.26 37.19 26.90
C GLU B 400 -0.49 35.68 26.85
N PRO B 401 -1.27 35.17 27.80
CA PRO B 401 -1.50 33.74 27.85
C PRO B 401 -2.32 33.24 26.65
N VAL B 402 -2.22 31.92 26.45
CA VAL B 402 -2.94 31.25 25.39
C VAL B 402 -4.44 31.52 25.46
N GLY B 403 -5.01 31.83 24.29
CA GLY B 403 -6.44 31.97 24.15
C GLY B 403 -7.07 30.92 23.24
N ASP B 404 -8.39 30.94 23.14
CA ASP B 404 -9.09 29.89 22.40
C ASP B 404 -8.80 29.91 20.92
N ALA B 405 -8.50 31.06 20.29
CA ALA B 405 -8.25 31.05 18.86
C ALA B 405 -6.99 30.19 18.60
N ALA B 406 -5.98 30.33 19.46
CA ALA B 406 -4.76 29.51 19.37
C ALA B 406 -5.09 28.03 19.64
N ARG B 407 -5.89 27.76 20.66
CA ARG B 407 -6.26 26.38 20.92
C ARG B 407 -6.95 25.73 19.72
N TYR B 408 -7.88 26.43 19.07
CA TYR B 408 -8.57 25.89 17.91
C TYR B 408 -7.62 25.74 16.72
N ARG B 409 -6.73 26.69 16.48
CA ARG B 409 -5.84 26.62 15.33
C ARG B 409 -4.90 25.44 15.50
N VAL B 410 -4.35 25.29 16.68
CA VAL B 410 -3.35 24.26 16.95
C VAL B 410 -4.00 22.89 16.89
N ALA B 411 -5.19 22.75 17.48
CA ALA B 411 -5.93 21.47 17.47
C ALA B 411 -6.29 21.07 16.04
N TRP B 412 -6.63 22.06 15.21
CA TRP B 412 -6.95 21.77 13.82
C TRP B 412 -5.77 21.14 13.11
N ASN B 413 -4.56 21.57 13.42
CA ASN B 413 -3.41 21.00 12.77
C ASN B 413 -3.22 19.50 13.03
N VAL B 414 -3.63 19.00 14.19
CA VAL B 414 -3.49 17.58 14.49
C VAL B 414 -4.74 16.76 14.17
N MET B 415 -5.92 17.38 14.14
CA MET B 415 -7.15 16.61 13.96
C MET B 415 -7.90 16.96 12.67
N ASP B 416 -7.57 18.04 11.96
CA ASP B 416 -8.32 18.49 10.79
C ASP B 416 -9.77 18.68 11.10
N GLY B 417 -10.01 19.21 12.29
CA GLY B 417 -11.34 19.62 12.70
C GLY B 417 -11.29 20.26 14.06
N LEU B 418 -12.44 20.33 14.71
CA LEU B 418 -12.62 21.18 15.89
C LEU B 418 -12.43 20.42 17.20
N ARG B 419 -11.53 20.90 18.06
CA ARG B 419 -11.47 20.46 19.44
C ARG B 419 -12.82 20.61 20.10
N GLN B 420 -13.08 19.78 21.10
CA GLN B 420 -14.31 19.91 21.88
C GLN B 420 -14.25 21.05 22.87
N ALA B 421 -15.26 21.91 22.80
CA ALA B 421 -15.47 22.99 23.77
C ALA B 421 -16.85 23.55 23.50
N PRO B 422 -17.41 24.27 24.51
CA PRO B 422 -18.78 24.74 24.29
C PRO B 422 -18.88 25.72 23.11
N ARG B 423 -19.87 25.52 22.23
CA ARG B 423 -20.09 26.30 21.04
C ARG B 423 -21.57 26.29 20.70
N ASP B 424 -22.01 27.34 20.01
CA ASP B 424 -23.23 27.30 19.22
C ASP B 424 -22.87 27.41 17.74
N ARG B 425 -23.89 27.36 16.90
CA ARG B 425 -23.69 27.18 15.48
C ARG B 425 -22.99 28.37 14.88
N GLU B 426 -23.33 29.56 15.37
CA GLU B 426 -22.56 30.73 15.03
C GLU B 426 -21.05 30.55 15.22
N GLU B 427 -20.62 30.13 16.41
CA GLU B 427 -19.22 29.95 16.70
C GLU B 427 -18.59 28.85 15.82
N THR B 428 -19.29 27.73 15.72
CA THR B 428 -18.85 26.58 14.87
C THR B 428 -18.59 27.01 13.43
N THR B 429 -19.58 27.65 12.82
CA THR B 429 -19.44 28.08 11.44
C THR B 429 -18.38 29.16 11.25
N GLY B 430 -18.26 30.10 12.19
CA GLY B 430 -17.17 31.03 12.18
C GLY B 430 -15.79 30.39 12.17
N LEU B 431 -15.64 29.37 13.01
CA LEU B 431 -14.37 28.69 13.10
C LEU B 431 -14.08 27.91 11.82
N LEU B 432 -15.10 27.26 11.25
CA LEU B 432 -14.91 26.58 9.95
C LEU B 432 -14.47 27.57 8.88
N ALA B 433 -15.14 28.71 8.81
CA ALA B 433 -14.75 29.72 7.81
C ALA B 433 -13.31 30.16 8.02
N ARG B 434 -12.89 30.31 9.29
CA ARG B 434 -11.51 30.71 9.61
C ARG B 434 -10.46 29.65 9.27
N LEU B 435 -10.77 28.39 9.59
CA LEU B 435 -9.74 27.34 9.62
C LEU B 435 -9.67 26.47 8.37
N LEU B 436 -10.73 26.47 7.58
CA LEU B 436 -10.70 25.86 6.25
C LEU B 436 -9.94 26.81 5.33
O3P OZY C . -1.21 -6.46 -6.85
P1P OZY C . -0.75 -5.02 -6.84
O1P OZY C . -1.78 -4.16 -6.15
O2P OZY C . 0.66 -4.79 -6.34
O4P OZY C . -0.73 -4.59 -8.40
C5A OZY C . -1.97 -4.39 -9.11
C5P OZY C . -1.69 -4.62 -10.58
C6P OZY C . -1.73 -3.49 -11.37
N1P OZY C . -1.51 -3.58 -12.70
C4P OZY C . -1.41 -5.87 -11.13
CPP OZY C . -1.16 -5.92 -12.48
OPP OZY C . -0.85 -7.06 -13.15
C2P OZY C . -1.19 -4.77 -13.26
C2A OZY C . -0.89 -4.82 -14.74
C4A OZY C . -1.41 -7.09 -10.30
N19 OZY C . -1.30 -8.25 -10.84
C23 OZY C . -1.67 -9.46 -10.21
C22 OZY C . -2.10 -10.47 -11.30
C21 OZY C . -1.07 -10.85 -12.40
O21 OZY C . 0.22 -11.39 -11.98
O22 OZY C . -3.11 -9.68 -11.97
C18 OZY C . -3.91 -10.52 -12.79
C19 OZY C . -3.10 -11.17 -13.91
N23 OZY C . -4.03 -12.12 -14.58
C20 OZY C . -1.76 -11.79 -13.42
O20 OZY C . -0.82 -12.15 -14.47
O18 OZY C . -4.51 -11.51 -11.97
C15 OZY C . -5.77 -10.98 -11.49
C14 OZY C . -6.99 -11.28 -12.33
O14 OZY C . -6.71 -11.36 -13.73
C16 OZY C . -6.11 -11.71 -10.18
C17 OZY C . -6.34 -10.73 -9.02
O17 OZY C . -7.13 -11.35 -8.00
O16 OZY C . -7.27 -12.51 -10.37
C13 OZY C . -7.53 -12.61 -11.76
O11 OZY C . -8.93 -12.80 -11.95
C11 OZY C . -9.40 -14.14 -11.82
C12 OZY C . -9.71 -14.70 -13.22
O12 OZY C . -8.50 -14.65 -13.98
C10 OZY C . -10.69 -14.07 -11.00
C9 OZY C . -11.42 -15.42 -11.02
N9 OZY C . -12.70 -15.31 -10.30
C8 OZY C . -11.67 -15.97 -12.43
C7 OZY C . -10.35 -16.08 -13.16
N7 OZY C . -10.57 -16.63 -14.50
O1 OZY C . -10.46 -13.69 -9.61
C1 OZY C . -10.14 -12.32 -9.32
O5 OZY C . -11.14 -11.45 -9.87
C5 OZY C . -12.46 -11.72 -9.39
C6 OZY C . -13.41 -10.72 -10.01
N6 OZY C . -14.40 -10.32 -8.99
C4 OZY C . -12.49 -11.71 -7.85
O4 OZY C . -13.78 -12.09 -7.34
C3 OZY C . -11.43 -12.66 -7.28
O3 OZY C . -11.47 -12.78 -5.86
C2 OZY C . -10.08 -12.19 -7.80
N2 OZY C . -9.01 -13.03 -7.26
C1 EDO D . -1.57 0.04 -1.11
O1 EDO D . -2.74 -0.54 -1.52
C2 EDO D . -1.29 1.36 -0.31
O2 EDO D . -1.50 2.63 -0.51
O3P OZY E . -0.21 7.34 6.14
P1P OZY E . -1.10 6.10 5.93
O1P OZY E . -1.64 5.99 4.52
O2P OZY E . -0.41 4.84 6.40
O4P OZY E . -2.35 6.25 6.93
C5A OZY E . -3.36 7.24 6.61
C5P OZY E . -4.08 7.65 7.88
C6P OZY E . -5.38 7.15 8.09
N1P OZY E . -6.01 7.51 9.21
C4P OZY E . -3.47 8.44 8.86
CPP OZY E . -4.18 8.74 10.01
OPP OZY E . -3.68 9.50 11.01
C2P OZY E . -5.47 8.25 10.17
C2A OZY E . -6.30 8.49 11.43
C4A OZY E . -2.12 8.97 8.65
N19 OZY E . -1.64 9.86 9.45
C23 OZY E . -0.52 10.67 9.20
C22 OZY E . -0.73 11.97 10.03
C21 OZY E . -0.83 11.84 11.56
O21 OZY E . 0.37 11.27 12.12
O22 OZY E . -2.01 12.38 9.57
C18 OZY E . -2.31 13.73 9.94
C19 OZY E . -2.29 13.89 11.47
N23 OZY E . -2.49 15.33 11.77
C20 OZY E . -1.03 13.26 12.14
O20 OZY E . -1.09 13.31 13.61
O18 OZY E . -1.38 14.58 9.27
C15 OZY E . -1.94 14.98 7.98
C14 OZY E . -2.69 16.32 7.93
O14 OZY E . -3.35 16.62 9.16
C16 OZY E . -0.73 15.30 7.12
C17 OZY E . -0.68 14.44 5.85
O17 OZY E . 0.21 15.14 4.98
O16 OZY E . -0.70 16.67 6.75
C13 OZY E . -1.59 17.34 7.63
O11 OZY E . -2.03 18.43 6.85
C11 OZY E . -1.27 19.65 6.96
C12 OZY E . -1.95 20.67 7.91
O12 OZY E . -2.04 20.16 9.26
C10 OZY E . -1.28 20.19 5.53
C9 OZY E . -0.61 21.56 5.54
N9 OZY E . -0.60 22.08 4.15
C8 OZY E . -1.27 22.55 6.52
C7 OZY E . -1.18 21.99 7.93
N7 OZY E . -1.84 22.88 8.90
O1 OZY E . -0.60 19.36 4.56
C1 OZY E . -1.23 18.15 4.08
O5 OZY E . -2.43 18.44 3.36
C5 OZY E . -2.22 19.30 2.23
C6 OZY E . -3.55 19.66 1.56
N6 OZY E . -3.97 18.56 0.68
C4 OZY E . -1.19 18.69 1.28
O4 OZY E . -0.94 19.52 0.14
C3 OZY E . 0.12 18.48 2.04
O3 OZY E . 1.19 18.01 1.21
C2 OZY E . -0.16 17.52 3.19
N2 OZY E . 1.04 17.38 4.02
#